data_3HPF
#
_entry.id   3HPF
#
_cell.length_a   119.966
_cell.length_b   119.966
_cell.length_c   122.165
_cell.angle_alpha   90.00
_cell.angle_beta   90.00
_cell.angle_gamma   90.00
#
_symmetry.space_group_name_H-M   'I 4'
#
loop_
_entity.id
_entity.type
_entity.pdbx_description
1 polymer 'Muconate cycloisomerase'
2 non-polymer 'D-galactaric acid'
3 non-polymer 'MAGNESIUM ION'
4 water water
#
_entity_poly.entity_id   1
_entity_poly.type   'polypeptide(L)'
_entity_poly.pdbx_seq_one_letter_code
;MKITDLELHAVGIPRHTGFVNKHVIVKIHTDEGLTGIGEMSDFSHLPLYSVDLHDLKQGLLSILLGQNPFDLMKINKELT
DNFPETMYYFEKGSFIRNGIDNALHDLCAKYLDISVSDFLGGRVKEKIKVCYPIFRHRFSEEVESNLDVVRQKLEQGFDV
FRLYVGKNLDADEEFLSRVKEEFGSRVRIKSYDFSHLLNWKDAHRAIKRLTKYDLGLEMIESPAPRNDFDGLYQLRLKTD
YPISEHVWSFKQQQEMIKKDAIDIFNISPVFIGGLTSAKKAAYAAEVASKDVVLGTTQELSVGTAAMAHLGCSLTNINHT
SDPTGPELYVGDVVKNRVTYKDGYLYAPDRSVKGLGIELDESLLAKYQVPDLSWDNVTVHQLQDRTADTKS
;
_entity_poly.pdbx_strand_id   A,B
#
# COMPACT_ATOMS: atom_id res chain seq x y z
N MET A 1 -6.05 34.31 4.52
CA MET A 1 -5.71 33.10 5.33
C MET A 1 -4.98 32.08 4.46
N LYS A 2 -3.65 32.05 4.55
CA LYS A 2 -2.87 31.14 3.73
C LYS A 2 -1.80 30.36 4.51
N ILE A 3 -1.61 29.10 4.12
CA ILE A 3 -0.62 28.23 4.75
C ILE A 3 0.76 28.71 4.32
N THR A 4 1.68 28.81 5.28
CA THR A 4 3.02 29.31 4.99
C THR A 4 4.15 28.36 5.36
N ASP A 5 3.89 27.42 6.26
CA ASP A 5 4.94 26.50 6.67
C ASP A 5 4.37 25.26 7.33
N LEU A 6 5.22 24.24 7.47
CA LEU A 6 4.83 22.97 8.05
C LEU A 6 5.97 22.38 8.87
N GLU A 7 5.63 21.81 10.03
CA GLU A 7 6.62 21.17 10.89
C GLU A 7 6.14 19.75 11.19
N LEU A 8 7.08 18.81 11.17
CA LEU A 8 6.77 17.41 11.47
C LEU A 8 7.71 17.01 12.61
N HIS A 9 7.12 16.67 13.75
CA HIS A 9 7.89 16.27 14.93
C HIS A 9 7.73 14.79 15.24
N ALA A 10 8.80 14.03 15.04
CA ALA A 10 8.74 12.60 15.32
C ALA A 10 8.91 12.36 16.82
N VAL A 11 8.07 11.50 17.37
CA VAL A 11 8.16 11.16 18.78
C VAL A 11 8.08 9.65 18.97
N GLY A 12 8.75 9.16 20.00
CA GLY A 12 8.73 7.75 20.32
C GLY A 12 8.19 7.63 21.73
N ILE A 13 7.08 6.94 21.88
CA ILE A 13 6.47 6.78 23.20
C ILE A 13 6.10 5.34 23.46
N PRO A 14 6.69 4.73 24.50
CA PRO A 14 6.39 3.34 24.81
C PRO A 14 5.06 3.16 25.52
N ARG A 15 4.50 1.97 25.42
CA ARG A 15 3.25 1.67 26.09
C ARG A 15 3.68 1.07 27.43
N HIS A 16 2.77 1.06 28.40
CA HIS A 16 3.11 0.52 29.71
C HIS A 16 3.59 -0.92 29.58
N THR A 17 3.08 -1.61 28.57
CA THR A 17 3.41 -3.01 28.33
C THR A 17 4.70 -3.28 27.58
N GLY A 18 5.39 -2.24 27.12
CA GLY A 18 6.66 -2.46 26.42
C GLY A 18 6.79 -2.04 24.97
N PHE A 19 5.73 -2.21 24.18
CA PHE A 19 5.80 -1.84 22.78
C PHE A 19 6.09 -0.34 22.65
N VAL A 20 6.99 0.02 21.74
CA VAL A 20 7.34 1.42 21.54
C VAL A 20 6.86 1.89 20.17
N ASN A 21 5.93 2.85 20.18
CA ASN A 21 5.35 3.38 18.96
C ASN A 21 5.91 4.74 18.59
N LYS A 22 6.05 4.97 17.29
CA LYS A 22 6.51 6.25 16.80
C LYS A 22 5.34 6.97 16.17
N HIS A 23 5.22 8.25 16.46
CA HIS A 23 4.14 9.08 15.95
C HIS A 23 4.78 10.34 15.39
N VAL A 24 4.00 11.14 14.66
CA VAL A 24 4.50 12.39 14.14
C VAL A 24 3.52 13.48 14.48
N ILE A 25 3.98 14.49 15.22
CA ILE A 25 3.12 15.59 15.57
C ILE A 25 3.26 16.64 14.48
N VAL A 26 2.11 17.09 13.98
CA VAL A 26 2.04 18.05 12.89
C VAL A 26 1.71 19.47 13.34
N LYS A 27 2.36 20.44 12.70
CA LYS A 27 2.11 21.84 12.95
C LYS A 27 1.97 22.51 11.59
N ILE A 28 0.83 23.16 11.35
CA ILE A 28 0.60 23.87 10.10
C ILE A 28 0.53 25.35 10.45
N HIS A 29 1.45 26.13 9.87
CA HIS A 29 1.51 27.56 10.13
C HIS A 29 0.84 28.38 9.04
N THR A 30 0.36 29.56 9.42
CA THR A 30 -0.30 30.45 8.47
C THR A 30 0.28 31.86 8.52
N ASP A 31 -0.01 32.64 7.49
CA ASP A 31 0.49 34.01 7.39
C ASP A 31 -0.01 34.89 8.52
N GLU A 32 -1.16 34.57 9.09
CA GLU A 32 -1.72 35.36 10.18
C GLU A 32 -1.24 34.91 11.55
N GLY A 33 -0.34 33.94 11.59
CA GLY A 33 0.21 33.47 12.84
C GLY A 33 -0.52 32.32 13.52
N LEU A 34 -1.65 31.90 12.96
CA LEU A 34 -2.43 30.81 13.52
C LEU A 34 -1.85 29.45 13.12
N THR A 35 -1.68 28.58 14.10
CA THR A 35 -1.12 27.25 13.86
C THR A 35 -2.08 26.13 14.24
N GLY A 36 -2.22 25.16 13.34
CA GLY A 36 -3.08 24.01 13.61
C GLY A 36 -2.18 22.85 13.99
N ILE A 37 -2.61 22.06 14.98
CA ILE A 37 -1.83 20.92 15.40
C ILE A 37 -2.55 19.63 15.03
N GLY A 38 -1.78 18.62 14.63
CA GLY A 38 -2.37 17.37 14.23
C GLY A 38 -1.48 16.20 14.59
N GLU A 39 -1.89 15.00 14.22
CA GLU A 39 -1.11 13.82 14.56
C GLU A 39 -1.17 12.70 13.53
N MET A 40 -0.01 12.26 13.07
CA MET A 40 0.07 11.13 12.14
C MET A 40 0.35 10.02 13.15
N SER A 41 -0.72 9.33 13.54
CA SER A 41 -0.65 8.30 14.57
C SER A 41 -0.10 6.92 14.24
N ASP A 42 0.73 6.44 15.16
CA ASP A 42 1.31 5.11 15.13
C ASP A 42 1.78 4.58 13.77
N PHE A 43 2.99 4.95 13.39
CA PHE A 43 3.57 4.47 12.14
C PHE A 43 4.12 3.06 12.33
N SER A 44 4.17 2.63 13.59
CA SER A 44 4.73 1.31 13.94
C SER A 44 3.89 0.08 13.59
N HIS A 45 3.55 -0.03 12.32
CA HIS A 45 2.78 -1.15 11.79
C HIS A 45 3.49 -1.58 10.49
N LEU A 46 3.32 -2.84 10.09
CA LEU A 46 3.94 -3.30 8.83
C LEU A 46 3.37 -2.42 7.73
N PRO A 47 4.07 -2.29 6.59
CA PRO A 47 5.36 -2.89 6.23
C PRO A 47 6.56 -2.38 7.01
N LEU A 48 7.61 -3.21 7.04
CA LEU A 48 8.82 -2.90 7.79
C LEU A 48 9.81 -1.94 7.13
N TYR A 49 9.33 -0.76 6.76
CA TYR A 49 10.21 0.26 6.22
C TYR A 49 9.72 1.57 6.83
N SER A 50 10.52 2.63 6.71
CA SER A 50 10.13 3.89 7.29
C SER A 50 10.22 5.04 6.30
N VAL A 51 9.37 6.04 6.51
CA VAL A 51 9.29 7.20 5.65
C VAL A 51 10.26 8.30 6.05
N ASP A 52 10.94 8.88 5.04
CA ASP A 52 11.90 9.96 5.23
C ASP A 52 11.10 11.25 5.49
N LEU A 53 11.18 11.76 6.71
CA LEU A 53 10.42 12.96 7.09
C LEU A 53 10.92 14.27 6.47
N HIS A 54 12.19 14.32 6.09
CA HIS A 54 12.71 15.54 5.47
C HIS A 54 12.12 15.63 4.08
N ASP A 55 12.06 14.49 3.39
CA ASP A 55 11.48 14.44 2.06
C ASP A 55 9.99 14.69 2.17
N LEU A 56 9.34 14.03 3.11
CA LEU A 56 7.89 14.17 3.29
C LEU A 56 7.48 15.62 3.54
N LYS A 57 8.21 16.34 4.37
CA LYS A 57 7.87 17.74 4.63
C LYS A 57 7.90 18.56 3.34
N GLN A 58 8.89 18.31 2.49
CA GLN A 58 8.98 19.04 1.23
C GLN A 58 7.80 18.73 0.33
N GLY A 59 7.45 17.45 0.24
CA GLY A 59 6.33 17.05 -0.59
C GLY A 59 5.01 17.61 -0.09
N LEU A 60 4.81 17.55 1.23
CA LEU A 60 3.58 18.06 1.81
C LEU A 60 3.46 19.57 1.66
N LEU A 61 4.56 20.28 1.90
CA LEU A 61 4.54 21.75 1.77
C LEU A 61 4.22 22.13 0.33
N SER A 62 4.75 21.38 -0.62
CA SER A 62 4.51 21.65 -2.03
C SER A 62 3.01 21.68 -2.30
N ILE A 63 2.28 20.80 -1.61
CA ILE A 63 0.84 20.72 -1.76
C ILE A 63 0.11 21.81 -0.98
N LEU A 64 0.52 22.01 0.26
CA LEU A 64 -0.11 22.97 1.16
C LEU A 64 0.24 24.46 1.06
N LEU A 65 1.48 24.76 0.70
CA LEU A 65 1.93 26.15 0.64
C LEU A 65 1.01 27.10 -0.13
N GLY A 66 0.60 28.17 0.54
CA GLY A 66 -0.25 29.18 -0.07
C GLY A 66 -1.74 28.90 -0.12
N GLN A 67 -2.14 27.71 0.31
CA GLN A 67 -3.55 27.35 0.28
C GLN A 67 -4.36 27.91 1.45
N ASN A 68 -5.67 27.99 1.21
CA ASN A 68 -6.63 28.46 2.21
C ASN A 68 -7.03 27.18 2.93
N PRO A 69 -6.74 27.08 4.23
CA PRO A 69 -7.06 25.87 5.01
C PRO A 69 -8.54 25.46 5.01
N PHE A 70 -9.42 26.40 4.66
CA PHE A 70 -10.84 26.10 4.62
C PHE A 70 -11.22 25.31 3.38
N ASP A 71 -10.31 25.21 2.42
CA ASP A 71 -10.58 24.43 1.20
C ASP A 71 -10.27 22.97 1.50
N LEU A 72 -10.98 22.41 2.47
CA LEU A 72 -10.78 21.02 2.86
C LEU A 72 -11.00 20.00 1.74
N MET A 73 -12.03 20.20 0.92
CA MET A 73 -12.28 19.25 -0.17
C MET A 73 -11.16 19.28 -1.20
N LYS A 74 -10.76 20.48 -1.60
CA LYS A 74 -9.69 20.67 -2.57
C LYS A 74 -8.37 20.08 -2.06
N ILE A 75 -8.01 20.44 -0.84
CA ILE A 75 -6.77 19.95 -0.25
C ILE A 75 -6.76 18.43 -0.07
N ASN A 76 -7.89 17.88 0.38
CA ASN A 76 -7.95 16.43 0.58
C ASN A 76 -7.85 15.68 -0.74
N LYS A 77 -8.35 16.31 -1.82
CA LYS A 77 -8.28 15.69 -3.13
C LYS A 77 -6.81 15.65 -3.56
N GLU A 78 -6.09 16.74 -3.34
CA GLU A 78 -4.68 16.81 -3.70
C GLU A 78 -3.84 15.88 -2.83
N LEU A 79 -4.26 15.71 -1.57
CA LEU A 79 -3.54 14.81 -0.67
C LEU A 79 -3.73 13.38 -1.18
N THR A 80 -4.96 13.03 -1.50
CA THR A 80 -5.28 11.69 -2.01
C THR A 80 -4.62 11.43 -3.36
N ASP A 81 -4.48 12.47 -4.18
CA ASP A 81 -3.83 12.32 -5.47
C ASP A 81 -2.37 11.91 -5.30
N ASN A 82 -1.71 12.45 -4.28
CA ASN A 82 -0.30 12.15 -4.03
C ASN A 82 -0.05 10.97 -3.09
N PHE A 83 -1.04 10.66 -2.25
CA PHE A 83 -0.96 9.56 -1.29
C PHE A 83 -2.25 8.78 -1.45
N PRO A 84 -2.38 8.04 -2.57
CA PRO A 84 -3.57 7.25 -2.86
C PRO A 84 -3.92 6.13 -1.89
N GLU A 85 -5.20 5.77 -1.88
CA GLU A 85 -5.67 4.67 -1.05
C GLU A 85 -5.11 3.43 -1.72
N THR A 86 -4.65 2.48 -0.92
CA THR A 86 -4.03 1.28 -1.46
C THR A 86 -4.75 -0.03 -1.14
N MET A 87 -5.91 0.05 -0.51
CA MET A 87 -6.65 -1.16 -0.16
C MET A 87 -5.90 -1.93 0.93
N TYR A 88 -5.04 -1.23 1.66
CA TYR A 88 -4.28 -1.85 2.72
C TYR A 88 -4.52 -1.16 4.06
N TYR A 89 -4.85 -1.98 5.05
CA TYR A 89 -5.15 -1.55 6.41
C TYR A 89 -4.16 -0.50 6.93
N PHE A 90 -2.88 -0.82 6.90
CA PHE A 90 -1.85 0.07 7.44
C PHE A 90 -1.02 0.89 6.45
N GLU A 91 -1.67 1.42 5.40
CA GLU A 91 -0.95 2.26 4.43
C GLU A 91 -0.46 3.50 5.16
N LYS A 92 0.85 3.72 5.17
CA LYS A 92 1.40 4.88 5.88
C LYS A 92 0.92 6.20 5.29
N GLY A 93 0.52 6.17 4.02
CA GLY A 93 0.02 7.37 3.38
C GLY A 93 -1.27 7.82 4.04
N SER A 94 -2.02 6.86 4.58
CA SER A 94 -3.27 7.19 5.26
C SER A 94 -2.97 7.91 6.57
N PHE A 95 -1.93 7.47 7.26
CA PHE A 95 -1.55 8.07 8.54
C PHE A 95 -1.08 9.50 8.25
N ILE A 96 -0.38 9.67 7.14
CA ILE A 96 0.13 10.98 6.75
C ILE A 96 -1.02 11.94 6.46
N ARG A 97 -1.94 11.54 5.59
CA ARG A 97 -3.06 12.40 5.26
C ARG A 97 -3.88 12.73 6.50
N ASN A 98 -4.01 11.76 7.40
CA ASN A 98 -4.77 11.95 8.64
C ASN A 98 -4.21 13.10 9.47
N GLY A 99 -2.88 13.10 9.64
CA GLY A 99 -2.23 14.15 10.42
C GLY A 99 -2.40 15.53 9.82
N ILE A 100 -2.36 15.63 8.50
CA ILE A 100 -2.54 16.92 7.85
C ILE A 100 -4.00 17.35 7.98
N ASP A 101 -4.93 16.43 7.69
CA ASP A 101 -6.34 16.79 7.77
C ASP A 101 -6.81 17.13 9.18
N ASN A 102 -6.35 16.43 10.21
CA ASN A 102 -6.83 16.79 11.54
C ASN A 102 -6.19 18.10 11.98
N ALA A 103 -5.01 18.41 11.47
CA ALA A 103 -4.35 19.67 11.82
C ALA A 103 -5.12 20.81 11.14
N LEU A 104 -5.62 20.57 9.93
CA LEU A 104 -6.39 21.57 9.21
C LEU A 104 -7.71 21.85 9.94
N HIS A 105 -8.29 20.82 10.56
CA HIS A 105 -9.53 21.01 11.30
C HIS A 105 -9.23 21.89 12.52
N ASP A 106 -8.13 21.59 13.19
CA ASP A 106 -7.72 22.34 14.38
C ASP A 106 -7.54 23.80 13.96
N LEU A 107 -6.85 24.01 12.85
CA LEU A 107 -6.58 25.35 12.34
C LEU A 107 -7.86 26.13 12.01
N CYS A 108 -8.74 25.53 11.21
CA CYS A 108 -9.98 26.20 10.84
C CYS A 108 -10.85 26.55 12.04
N ALA A 109 -10.99 25.60 12.97
CA ALA A 109 -11.80 25.79 14.17
C ALA A 109 -11.23 26.93 15.03
N LYS A 110 -9.92 26.96 15.18
CA LYS A 110 -9.28 28.01 15.97
C LYS A 110 -9.52 29.37 15.33
N TYR A 111 -9.41 29.43 14.00
CA TYR A 111 -9.62 30.68 13.29
C TYR A 111 -11.01 31.25 13.54
N LEU A 112 -12.00 30.36 13.62
CA LEU A 112 -13.38 30.78 13.84
C LEU A 112 -13.77 30.85 15.31
N ASP A 113 -12.84 30.50 16.19
CA ASP A 113 -13.08 30.52 17.63
C ASP A 113 -14.20 29.56 18.03
N ILE A 114 -14.09 28.32 17.56
CA ILE A 114 -15.08 27.30 17.89
C ILE A 114 -14.36 25.98 18.04
N SER A 115 -15.02 25.02 18.68
CA SER A 115 -14.45 23.69 18.86
C SER A 115 -14.55 22.95 17.53
N VAL A 116 -13.65 22.00 17.30
CA VAL A 116 -13.71 21.22 16.07
C VAL A 116 -15.06 20.52 16.01
N SER A 117 -15.64 20.28 17.18
CA SER A 117 -16.93 19.63 17.28
C SER A 117 -18.00 20.38 16.48
N ASP A 118 -18.02 21.70 16.60
CA ASP A 118 -19.00 22.50 15.88
C ASP A 118 -18.69 22.64 14.40
N PHE A 119 -17.53 22.16 14.00
CA PHE A 119 -17.12 22.21 12.60
C PHE A 119 -17.48 20.87 11.95
N LEU A 120 -17.78 19.87 12.77
CA LEU A 120 -18.12 18.53 12.30
C LEU A 120 -19.60 18.14 12.39
N GLY A 121 -20.47 19.08 12.72
CA GLY A 121 -21.88 18.76 12.82
C GLY A 121 -22.45 18.78 14.22
N GLY A 122 -21.66 19.23 15.18
CA GLY A 122 -22.15 19.33 16.55
C GLY A 122 -22.07 18.05 17.35
N ARG A 123 -22.86 18.01 18.42
CA ARG A 123 -22.89 16.88 19.33
C ARG A 123 -24.21 16.09 19.32
N VAL A 124 -24.07 14.78 19.45
CA VAL A 124 -25.20 13.85 19.52
C VAL A 124 -25.08 13.24 20.92
N LYS A 125 -23.86 13.31 21.45
CA LYS A 125 -23.53 12.79 22.78
C LYS A 125 -22.29 13.55 23.25
N GLU A 126 -21.99 13.47 24.55
CA GLU A 126 -20.83 14.16 25.10
C GLU A 126 -19.65 13.23 25.40
N LYS A 127 -19.91 11.94 25.36
CA LYS A 127 -18.88 10.94 25.60
C LYS A 127 -19.26 9.66 24.85
N ILE A 128 -18.28 8.79 24.64
CA ILE A 128 -18.54 7.54 23.94
C ILE A 128 -17.91 6.39 24.70
N LYS A 129 -18.66 5.30 24.83
CA LYS A 129 -18.18 4.13 25.55
C LYS A 129 -17.06 3.48 24.74
N VAL A 130 -15.98 3.15 25.42
CA VAL A 130 -14.85 2.49 24.77
C VAL A 130 -14.50 1.22 25.56
N CYS A 131 -13.54 0.46 25.06
CA CYS A 131 -13.15 -0.76 25.73
C CYS A 131 -11.65 -0.88 25.81
N TYR A 132 -11.16 -1.60 26.80
CA TYR A 132 -9.73 -1.79 26.98
C TYR A 132 -9.33 -3.08 26.26
N PRO A 133 -8.23 -3.04 25.49
CA PRO A 133 -7.74 -4.20 24.74
C PRO A 133 -6.94 -5.25 25.53
N ILE A 134 -7.30 -6.51 25.34
CA ILE A 134 -6.60 -7.60 25.98
C ILE A 134 -5.79 -8.31 24.92
N PHE A 135 -4.49 -8.45 25.19
CA PHE A 135 -3.53 -9.09 24.31
C PHE A 135 -3.90 -10.46 23.78
N ARG A 136 -3.52 -10.72 22.54
CA ARG A 136 -3.77 -11.99 21.90
C ARG A 136 -2.96 -13.04 22.67
N HIS A 137 -3.58 -14.19 22.95
CA HIS A 137 -2.89 -15.26 23.66
C HIS A 137 -2.15 -16.15 22.66
N ARG A 138 -0.85 -16.29 22.83
CA ARG A 138 -0.07 -17.17 21.95
C ARG A 138 0.17 -18.47 22.70
N PHE A 139 0.12 -18.40 24.02
CA PHE A 139 0.33 -19.56 24.87
C PHE A 139 -0.64 -19.51 26.06
N SER A 140 -1.03 -20.68 26.55
CA SER A 140 -1.95 -20.76 27.68
C SER A 140 -1.34 -20.17 28.95
N GLU A 141 -0.01 -20.08 28.98
CA GLU A 141 0.68 -19.54 30.15
C GLU A 141 0.48 -18.03 30.30
N GLU A 142 -0.09 -17.39 29.29
CA GLU A 142 -0.31 -15.95 29.35
C GLU A 142 -1.67 -15.62 29.96
N VAL A 143 -2.55 -16.60 30.07
CA VAL A 143 -3.87 -16.39 30.63
C VAL A 143 -3.89 -15.68 31.99
N GLU A 144 -3.07 -16.15 32.92
CA GLU A 144 -3.01 -15.54 34.24
C GLU A 144 -2.72 -14.04 34.21
N SER A 145 -1.68 -13.64 33.49
CA SER A 145 -1.32 -12.23 33.41
C SER A 145 -2.44 -11.38 32.79
N ASN A 146 -3.13 -11.94 31.81
CA ASN A 146 -4.22 -11.20 31.17
C ASN A 146 -5.42 -11.08 32.09
N LEU A 147 -5.58 -12.03 33.02
CA LEU A 147 -6.67 -11.96 33.97
C LEU A 147 -6.37 -10.83 34.95
N ASP A 148 -5.08 -10.66 35.28
CA ASP A 148 -4.68 -9.59 36.19
C ASP A 148 -4.92 -8.25 35.52
N VAL A 149 -4.79 -8.21 34.21
CA VAL A 149 -5.03 -6.98 33.46
C VAL A 149 -6.50 -6.62 33.58
N VAL A 150 -7.38 -7.61 33.39
CA VAL A 150 -8.81 -7.37 33.51
C VAL A 150 -9.16 -6.91 34.91
N ARG A 151 -8.57 -7.56 35.90
CA ARG A 151 -8.84 -7.20 37.29
C ARG A 151 -8.40 -5.77 37.57
N GLN A 152 -7.23 -5.40 37.08
CA GLN A 152 -6.71 -4.05 37.31
C GLN A 152 -7.51 -2.98 36.57
N LYS A 153 -7.80 -3.22 35.29
CA LYS A 153 -8.53 -2.24 34.50
C LYS A 153 -9.97 -2.08 34.96
N LEU A 154 -10.58 -3.16 35.43
CA LEU A 154 -11.95 -3.06 35.91
C LEU A 154 -11.96 -2.12 37.10
N GLU A 155 -10.96 -2.23 37.95
CA GLU A 155 -10.85 -1.37 39.13
C GLU A 155 -10.69 0.08 38.71
N GLN A 156 -10.01 0.29 37.58
CA GLN A 156 -9.80 1.64 37.06
C GLN A 156 -11.06 2.19 36.40
N GLY A 157 -12.07 1.35 36.21
CA GLY A 157 -13.31 1.82 35.60
C GLY A 157 -13.67 1.22 34.26
N PHE A 158 -12.75 0.47 33.66
CA PHE A 158 -13.04 -0.15 32.37
C PHE A 158 -13.79 -1.47 32.58
N ASP A 159 -15.10 -1.44 32.38
CA ASP A 159 -15.90 -2.65 32.56
C ASP A 159 -16.15 -3.38 31.24
N VAL A 160 -15.66 -2.81 30.14
CA VAL A 160 -15.80 -3.44 28.83
C VAL A 160 -14.42 -3.57 28.21
N PHE A 161 -14.17 -4.73 27.61
CA PHE A 161 -12.89 -5.01 26.98
C PHE A 161 -13.15 -5.59 25.60
N ARG A 162 -12.08 -5.84 24.87
CA ARG A 162 -12.15 -6.49 23.58
C ARG A 162 -10.95 -7.44 23.63
N LEU A 163 -11.06 -8.57 22.96
CA LEU A 163 -10.00 -9.56 22.97
C LEU A 163 -9.50 -9.93 21.59
N TYR A 164 -8.18 -9.87 21.40
CA TYR A 164 -7.59 -10.26 20.12
C TYR A 164 -7.50 -11.78 20.22
N VAL A 165 -7.96 -12.48 19.19
CA VAL A 165 -7.94 -13.94 19.19
C VAL A 165 -7.47 -14.50 17.85
N GLY A 166 -7.45 -15.83 17.74
CA GLY A 166 -7.08 -16.45 16.48
C GLY A 166 -5.74 -17.15 16.38
N LYS A 167 -4.86 -16.94 17.35
CA LYS A 167 -3.53 -17.55 17.33
C LYS A 167 -3.50 -18.89 18.06
N ASN A 168 -4.15 -18.93 19.22
CA ASN A 168 -4.20 -20.14 20.04
C ASN A 168 -5.61 -20.28 20.59
N LEU A 169 -6.50 -20.88 19.80
CA LEU A 169 -7.89 -21.04 20.21
C LEU A 169 -8.07 -21.66 21.58
N ASP A 170 -7.22 -22.63 21.94
CA ASP A 170 -7.34 -23.25 23.26
C ASP A 170 -7.10 -22.21 24.35
N ALA A 171 -6.12 -21.34 24.12
CA ALA A 171 -5.79 -20.29 25.09
C ALA A 171 -6.89 -19.23 25.11
N ASP A 172 -7.41 -18.88 23.94
CA ASP A 172 -8.49 -17.88 23.86
C ASP A 172 -9.64 -18.36 24.74
N GLU A 173 -10.06 -19.60 24.50
CA GLU A 173 -11.16 -20.21 25.24
C GLU A 173 -10.90 -20.35 26.74
N GLU A 174 -9.66 -20.66 27.12
CA GLU A 174 -9.33 -20.81 28.53
C GLU A 174 -9.54 -19.45 29.20
N PHE A 175 -9.00 -18.41 28.57
CA PHE A 175 -9.11 -17.05 29.09
C PHE A 175 -10.59 -16.69 29.28
N LEU A 176 -11.38 -16.82 28.23
CA LEU A 176 -12.80 -16.48 28.29
C LEU A 176 -13.52 -17.27 29.39
N SER A 177 -13.15 -18.55 29.53
CA SER A 177 -13.76 -19.38 30.56
C SER A 177 -13.42 -18.83 31.94
N ARG A 178 -12.15 -18.47 32.12
CA ARG A 178 -11.68 -17.92 33.39
C ARG A 178 -12.29 -16.56 33.72
N VAL A 179 -12.50 -15.74 32.70
CA VAL A 179 -13.10 -14.42 32.91
C VAL A 179 -14.52 -14.60 33.46
N LYS A 180 -15.32 -15.40 32.76
CA LYS A 180 -16.68 -15.66 33.18
C LYS A 180 -16.70 -16.20 34.60
N GLU A 181 -15.76 -17.07 34.90
CA GLU A 181 -15.64 -17.69 36.21
C GLU A 181 -15.30 -16.69 37.32
N GLU A 182 -14.29 -15.86 37.08
CA GLU A 182 -13.84 -14.89 38.08
C GLU A 182 -14.58 -13.57 38.15
N PHE A 183 -15.24 -13.17 37.06
CA PHE A 183 -15.97 -11.91 37.06
C PHE A 183 -17.46 -12.04 36.82
N GLY A 184 -17.89 -13.22 36.38
CA GLY A 184 -19.31 -13.44 36.12
C GLY A 184 -19.83 -12.53 35.02
N SER A 185 -20.55 -11.50 35.41
CA SER A 185 -21.11 -10.55 34.45
C SER A 185 -20.63 -9.13 34.75
N ARG A 186 -19.64 -9.02 35.63
CA ARG A 186 -19.08 -7.73 36.00
C ARG A 186 -18.29 -7.11 34.84
N VAL A 187 -17.81 -7.96 33.94
CA VAL A 187 -17.06 -7.48 32.80
C VAL A 187 -17.67 -7.96 31.49
N ARG A 188 -17.54 -7.14 30.45
CA ARG A 188 -18.05 -7.48 29.14
C ARG A 188 -16.89 -7.46 28.16
N ILE A 189 -16.91 -8.39 27.21
CA ILE A 189 -15.88 -8.44 26.18
C ILE A 189 -16.73 -8.26 24.92
N LYS A 190 -16.77 -7.03 24.44
CA LYS A 190 -17.61 -6.65 23.31
C LYS A 190 -17.18 -7.12 21.94
N SER A 191 -15.91 -7.47 21.79
CA SER A 191 -15.43 -7.93 20.50
C SER A 191 -14.32 -8.94 20.61
N TYR A 192 -14.33 -9.89 19.67
CA TYR A 192 -13.28 -10.89 19.55
C TYR A 192 -12.72 -10.47 18.20
N ASP A 193 -11.47 -10.02 18.19
CA ASP A 193 -10.81 -9.53 16.99
C ASP A 193 -9.80 -10.53 16.43
N PHE A 194 -10.11 -11.08 15.27
CA PHE A 194 -9.26 -12.08 14.61
C PHE A 194 -8.09 -11.49 13.82
N SER A 195 -8.07 -10.18 13.68
CA SER A 195 -6.99 -9.49 12.94
C SER A 195 -6.67 -10.11 11.58
N HIS A 196 -7.70 -10.58 10.87
CA HIS A 196 -7.55 -11.17 9.53
C HIS A 196 -6.63 -12.38 9.47
N LEU A 197 -6.36 -13.01 10.61
CA LEU A 197 -5.46 -14.16 10.65
C LEU A 197 -5.99 -15.45 10.05
N LEU A 198 -7.31 -15.62 10.00
CA LEU A 198 -7.90 -16.86 9.50
C LEU A 198 -8.80 -16.73 8.27
N ASN A 199 -8.86 -17.79 7.48
CA ASN A 199 -9.75 -17.80 6.32
C ASN A 199 -11.14 -17.94 6.96
N TRP A 200 -12.19 -17.48 6.28
CA TRP A 200 -13.51 -17.50 6.91
C TRP A 200 -14.05 -18.81 7.49
N LYS A 201 -13.77 -19.96 6.87
CA LYS A 201 -14.27 -21.21 7.45
C LYS A 201 -13.58 -21.54 8.75
N ASP A 202 -12.26 -21.32 8.80
CA ASP A 202 -11.53 -21.57 10.04
C ASP A 202 -12.09 -20.64 11.11
N ALA A 203 -12.39 -19.40 10.71
CA ALA A 203 -12.93 -18.40 11.63
C ALA A 203 -14.29 -18.88 12.13
N HIS A 204 -15.10 -19.46 11.25
CA HIS A 204 -16.42 -19.95 11.63
C HIS A 204 -16.27 -20.96 12.77
N ARG A 205 -15.34 -21.89 12.61
CA ARG A 205 -15.10 -22.90 13.64
C ARG A 205 -14.64 -22.24 14.94
N ALA A 206 -13.76 -21.25 14.82
CA ALA A 206 -13.25 -20.53 15.99
C ALA A 206 -14.38 -19.78 16.69
N ILE A 207 -15.21 -19.11 15.89
CA ILE A 207 -16.34 -18.35 16.42
C ILE A 207 -17.31 -19.26 17.15
N LYS A 208 -17.66 -20.38 16.54
CA LYS A 208 -18.59 -21.32 17.15
C LYS A 208 -18.06 -21.74 18.52
N ARG A 209 -16.74 -21.87 18.64
CA ARG A 209 -16.13 -22.26 19.91
C ARG A 209 -16.14 -21.11 20.92
N LEU A 210 -15.66 -19.95 20.48
CA LEU A 210 -15.57 -18.79 21.35
C LEU A 210 -16.91 -18.21 21.80
N THR A 211 -17.87 -18.13 20.89
CA THR A 211 -19.17 -17.55 21.23
C THR A 211 -19.98 -18.39 22.22
N LYS A 212 -19.33 -19.41 22.79
CA LYS A 212 -19.99 -20.23 23.80
C LYS A 212 -19.90 -19.41 25.07
N TYR A 213 -19.02 -18.41 25.03
CA TYR A 213 -18.80 -17.50 26.12
C TYR A 213 -19.26 -16.14 25.61
N ASP A 214 -20.50 -15.78 25.94
CA ASP A 214 -21.06 -14.51 25.51
C ASP A 214 -21.15 -13.57 26.70
N LEU A 215 -20.11 -12.78 26.90
CA LEU A 215 -20.06 -11.82 28.00
C LEU A 215 -20.34 -10.44 27.44
N GLY A 216 -21.59 -10.23 27.03
CA GLY A 216 -21.96 -8.96 26.44
C GLY A 216 -21.29 -8.78 25.09
N LEU A 217 -21.08 -9.89 24.38
CA LEU A 217 -20.44 -9.83 23.06
C LEU A 217 -21.28 -8.99 22.10
N GLU A 218 -20.63 -8.06 21.41
CA GLU A 218 -21.31 -7.16 20.49
C GLU A 218 -20.96 -7.41 19.02
N MET A 219 -19.76 -7.92 18.77
CA MET A 219 -19.33 -8.12 17.38
C MET A 219 -18.13 -9.03 17.27
N ILE A 220 -17.93 -9.56 16.07
CA ILE A 220 -16.78 -10.39 15.75
C ILE A 220 -16.07 -9.55 14.70
N GLU A 221 -14.82 -9.16 14.95
CA GLU A 221 -14.11 -8.29 14.02
C GLU A 221 -13.03 -8.96 13.18
N SER A 222 -13.00 -8.58 11.91
CA SER A 222 -12.02 -9.07 10.94
C SER A 222 -11.85 -10.60 10.91
N PRO A 223 -12.99 -11.33 10.85
CA PRO A 223 -12.94 -12.79 10.82
C PRO A 223 -12.66 -13.41 9.44
N ALA A 224 -12.01 -12.64 8.56
CA ALA A 224 -11.66 -13.13 7.23
C ALA A 224 -10.43 -12.38 6.78
N PRO A 225 -9.74 -12.89 5.75
CA PRO A 225 -8.53 -12.20 5.27
C PRO A 225 -8.84 -10.79 4.79
N ARG A 226 -7.82 -9.95 4.71
CA ARG A 226 -8.03 -8.58 4.25
C ARG A 226 -8.67 -8.57 2.87
N ASN A 227 -9.72 -7.76 2.73
CA ASN A 227 -10.45 -7.61 1.47
C ASN A 227 -11.20 -8.85 0.97
N ASP A 228 -11.38 -9.85 1.82
CA ASP A 228 -12.12 -11.06 1.41
C ASP A 228 -13.60 -10.76 1.63
N PHE A 229 -14.17 -9.94 0.77
CA PHE A 229 -15.58 -9.54 0.88
C PHE A 229 -16.55 -10.72 0.87
N ASP A 230 -16.36 -11.66 -0.05
CA ASP A 230 -17.27 -12.81 -0.11
C ASP A 230 -17.16 -13.68 1.13
N GLY A 231 -15.96 -13.78 1.69
CA GLY A 231 -15.78 -14.58 2.88
C GLY A 231 -16.51 -13.94 4.05
N LEU A 232 -16.41 -12.61 4.15
CA LEU A 232 -17.07 -11.87 5.21
C LEU A 232 -18.58 -12.10 5.09
N TYR A 233 -19.09 -12.03 3.86
CA TYR A 233 -20.51 -12.23 3.59
C TYR A 233 -20.97 -13.62 4.01
N GLN A 234 -20.26 -14.66 3.57
CA GLN A 234 -20.63 -16.03 3.91
C GLN A 234 -20.67 -16.20 5.42
N LEU A 235 -19.71 -15.60 6.12
CA LEU A 235 -19.64 -15.71 7.57
C LEU A 235 -20.78 -14.93 8.22
N ARG A 236 -21.16 -13.81 7.61
CA ARG A 236 -22.24 -12.98 8.13
C ARG A 236 -23.56 -13.76 8.13
N LEU A 237 -23.70 -14.69 7.18
CA LEU A 237 -24.91 -15.51 7.06
C LEU A 237 -24.94 -16.68 8.05
N LYS A 238 -23.76 -17.14 8.46
CA LYS A 238 -23.67 -18.27 9.39
C LYS A 238 -23.40 -17.85 10.83
N THR A 239 -23.26 -16.56 11.08
CA THR A 239 -22.99 -16.06 12.42
C THR A 239 -24.12 -15.19 12.93
N ASP A 240 -24.61 -15.47 14.13
CA ASP A 240 -25.69 -14.68 14.71
C ASP A 240 -25.21 -13.30 15.13
N TYR A 241 -23.95 -13.20 15.53
CA TYR A 241 -23.39 -11.93 15.97
C TYR A 241 -23.00 -11.02 14.82
N PRO A 242 -23.01 -9.71 15.05
CA PRO A 242 -22.66 -8.77 13.99
C PRO A 242 -21.19 -8.97 13.63
N ILE A 243 -20.89 -8.78 12.35
CA ILE A 243 -19.53 -8.89 11.86
C ILE A 243 -19.07 -7.45 11.64
N SER A 244 -17.89 -7.12 12.15
CA SER A 244 -17.35 -5.77 11.97
C SER A 244 -16.04 -5.87 11.22
N GLU A 245 -15.73 -4.83 10.46
CA GLU A 245 -14.48 -4.78 9.72
C GLU A 245 -14.04 -3.33 9.56
N HIS A 246 -12.73 -3.13 9.56
CA HIS A 246 -12.14 -1.81 9.41
C HIS A 246 -12.32 -1.28 8.00
N VAL A 247 -12.44 0.05 7.88
CA VAL A 247 -12.55 0.69 6.58
C VAL A 247 -11.19 1.33 6.31
N TRP A 248 -10.47 0.83 5.31
CA TRP A 248 -9.16 1.37 5.00
C TRP A 248 -9.07 2.05 3.63
N SER A 249 -10.16 2.00 2.87
CA SER A 249 -10.20 2.67 1.58
C SER A 249 -11.66 2.74 1.12
N PHE A 250 -11.98 3.75 0.33
CA PHE A 250 -13.35 3.89 -0.15
C PHE A 250 -13.75 2.72 -1.05
N LYS A 251 -12.81 2.25 -1.86
CA LYS A 251 -13.11 1.12 -2.76
C LYS A 251 -13.49 -0.09 -1.93
N GLN A 252 -12.71 -0.35 -0.89
CA GLN A 252 -12.98 -1.48 -0.01
C GLN A 252 -14.32 -1.31 0.70
N GLN A 253 -14.59 -0.10 1.18
CA GLN A 253 -15.85 0.14 1.87
C GLN A 253 -17.04 -0.05 0.93
N GLN A 254 -16.95 0.48 -0.28
CA GLN A 254 -18.06 0.35 -1.21
C GLN A 254 -18.31 -1.11 -1.58
N GLU A 255 -17.25 -1.89 -1.70
CA GLU A 255 -17.42 -3.31 -2.03
C GLU A 255 -18.11 -4.05 -0.88
N MET A 256 -17.79 -3.69 0.36
CA MET A 256 -18.43 -4.36 1.48
C MET A 256 -19.91 -3.96 1.56
N ILE A 257 -20.20 -2.72 1.17
CA ILE A 257 -21.58 -2.25 1.17
C ILE A 257 -22.36 -2.98 0.07
N LYS A 258 -21.83 -2.94 -1.14
CA LYS A 258 -22.45 -3.59 -2.30
C LYS A 258 -22.77 -5.06 -2.06
N LYS A 259 -21.88 -5.75 -1.34
CA LYS A 259 -22.07 -7.17 -1.06
C LYS A 259 -22.74 -7.45 0.27
N ASP A 260 -23.12 -6.40 1.02
CA ASP A 260 -23.74 -6.57 2.33
C ASP A 260 -22.89 -7.57 3.12
N ALA A 261 -21.58 -7.39 3.01
CA ALA A 261 -20.60 -8.27 3.64
C ALA A 261 -20.48 -8.17 5.15
N ILE A 262 -20.74 -6.99 5.71
CA ILE A 262 -20.62 -6.82 7.14
C ILE A 262 -21.80 -6.06 7.75
N ASP A 263 -21.85 -6.07 9.08
CA ASP A 263 -22.90 -5.40 9.82
C ASP A 263 -22.45 -4.08 10.42
N ILE A 264 -21.21 -4.05 10.87
CA ILE A 264 -20.67 -2.84 11.49
C ILE A 264 -19.40 -2.37 10.81
N PHE A 265 -19.36 -1.09 10.44
CA PHE A 265 -18.18 -0.53 9.80
C PHE A 265 -17.33 0.13 10.87
N ASN A 266 -16.13 -0.41 11.05
CA ASN A 266 -15.20 0.12 12.03
C ASN A 266 -14.43 1.22 11.31
N ILE A 267 -14.73 2.45 11.70
CA ILE A 267 -14.11 3.61 11.09
C ILE A 267 -13.26 4.41 12.06
N SER A 268 -12.04 4.73 11.65
CA SER A 268 -11.13 5.53 12.47
C SER A 268 -10.34 6.41 11.49
N PRO A 269 -10.24 7.71 11.79
CA PRO A 269 -9.52 8.67 10.95
C PRO A 269 -8.16 8.23 10.43
N VAL A 270 -7.33 7.69 11.32
CA VAL A 270 -5.99 7.27 10.93
C VAL A 270 -5.92 6.26 9.78
N PHE A 271 -6.84 5.30 9.74
CA PHE A 271 -6.82 4.30 8.68
C PHE A 271 -7.49 4.72 7.38
N ILE A 272 -8.25 5.80 7.41
CA ILE A 272 -8.94 6.23 6.19
C ILE A 272 -8.43 7.59 5.68
N GLY A 273 -7.47 8.18 6.37
CA GLY A 273 -6.93 9.45 5.90
C GLY A 273 -7.31 10.74 6.58
N GLY A 274 -7.97 10.66 7.75
CA GLY A 274 -8.33 11.88 8.44
C GLY A 274 -9.80 12.04 8.76
N LEU A 275 -10.14 13.18 9.35
CA LEU A 275 -11.52 13.47 9.72
C LEU A 275 -12.42 13.68 8.50
N THR A 276 -11.92 14.41 7.50
CA THR A 276 -12.71 14.63 6.29
C THR A 276 -13.06 13.29 5.66
N SER A 277 -12.06 12.43 5.49
CA SER A 277 -12.29 11.12 4.90
C SER A 277 -13.14 10.23 5.80
N ALA A 278 -12.94 10.33 7.12
CA ALA A 278 -13.70 9.51 8.06
C ALA A 278 -15.17 9.90 8.06
N LYS A 279 -15.46 11.18 7.89
CA LYS A 279 -16.85 11.64 7.85
C LYS A 279 -17.51 11.07 6.59
N LYS A 280 -16.80 11.13 5.47
CA LYS A 280 -17.35 10.60 4.22
C LYS A 280 -17.68 9.11 4.38
N ALA A 281 -16.78 8.37 5.01
CA ALA A 281 -16.99 6.94 5.23
C ALA A 281 -18.18 6.71 6.16
N ALA A 282 -18.28 7.53 7.20
CA ALA A 282 -19.38 7.41 8.15
C ALA A 282 -20.71 7.75 7.49
N TYR A 283 -20.71 8.77 6.64
CA TYR A 283 -21.95 9.16 5.95
C TYR A 283 -22.32 8.13 4.91
N ALA A 284 -21.33 7.50 4.28
CA ALA A 284 -21.64 6.47 3.29
C ALA A 284 -22.31 5.31 4.02
N ALA A 285 -21.80 4.99 5.21
CA ALA A 285 -22.38 3.92 6.02
C ALA A 285 -23.81 4.31 6.39
N GLU A 286 -24.01 5.56 6.78
CA GLU A 286 -25.34 6.04 7.14
C GLU A 286 -26.31 5.92 5.96
N VAL A 287 -25.85 6.31 4.78
CA VAL A 287 -26.70 6.24 3.58
C VAL A 287 -27.11 4.79 3.33
N ALA A 288 -26.23 3.87 3.69
CA ALA A 288 -26.50 2.45 3.50
C ALA A 288 -27.16 1.80 4.73
N SER A 289 -27.58 2.63 5.68
CA SER A 289 -28.22 2.16 6.91
C SER A 289 -27.38 1.14 7.67
N LYS A 290 -26.07 1.37 7.71
CA LYS A 290 -25.16 0.47 8.41
C LYS A 290 -24.67 1.09 9.71
N ASP A 291 -24.39 0.24 10.68
CA ASP A 291 -23.88 0.65 11.99
C ASP A 291 -22.39 0.98 11.88
N VAL A 292 -21.92 1.86 12.75
CA VAL A 292 -20.53 2.27 12.78
C VAL A 292 -19.95 2.20 14.20
N VAL A 293 -18.67 1.87 14.29
CA VAL A 293 -17.98 1.86 15.57
C VAL A 293 -16.69 2.64 15.32
N LEU A 294 -16.28 3.42 16.29
CA LEU A 294 -15.06 4.21 16.16
C LEU A 294 -13.88 3.32 16.51
N GLY A 295 -13.08 2.99 15.50
CA GLY A 295 -11.92 2.14 15.72
C GLY A 295 -10.71 2.93 16.17
N THR A 296 -9.56 2.27 16.22
CA THR A 296 -8.37 2.96 16.68
C THR A 296 -7.08 2.26 16.29
N THR A 297 -5.99 3.03 16.30
CA THR A 297 -4.67 2.47 16.05
C THR A 297 -3.94 2.72 17.37
N GLN A 298 -4.68 3.31 18.31
CA GLN A 298 -4.20 3.69 19.63
C GLN A 298 -3.30 4.91 19.44
N GLU A 299 -3.94 6.07 19.38
CA GLU A 299 -3.23 7.31 19.16
C GLU A 299 -2.98 8.11 20.45
N LEU A 300 -2.20 9.19 20.34
CA LEU A 300 -1.91 10.04 21.49
C LEU A 300 -3.10 10.96 21.74
N SER A 301 -2.99 11.88 22.69
CA SER A 301 -4.12 12.78 22.98
C SER A 301 -4.58 13.65 21.83
N VAL A 302 -3.68 14.08 20.96
CA VAL A 302 -4.08 14.94 19.83
C VAL A 302 -4.98 14.17 18.88
N GLY A 303 -4.57 12.95 18.54
CA GLY A 303 -5.35 12.12 17.63
C GLY A 303 -6.63 11.63 18.28
N THR A 304 -6.57 11.36 19.59
CA THR A 304 -7.74 10.88 20.31
C THR A 304 -8.77 12.00 20.43
N ALA A 305 -8.31 13.23 20.62
CA ALA A 305 -9.23 14.36 20.73
C ALA A 305 -9.97 14.50 19.40
N ALA A 306 -9.23 14.41 18.31
CA ALA A 306 -9.81 14.52 16.98
C ALA A 306 -10.93 13.51 16.77
N MET A 307 -10.65 12.24 17.03
CA MET A 307 -11.67 11.20 16.85
C MET A 307 -12.81 11.32 17.84
N ALA A 308 -12.53 11.84 19.03
CA ALA A 308 -13.57 12.03 20.04
C ALA A 308 -14.64 12.99 19.50
N HIS A 309 -14.21 14.09 18.90
CA HIS A 309 -15.15 15.05 18.34
C HIS A 309 -15.98 14.39 17.24
N LEU A 310 -15.31 13.64 16.37
CA LEU A 310 -16.01 12.96 15.28
C LEU A 310 -17.04 11.99 15.85
N GLY A 311 -16.57 11.11 16.74
CA GLY A 311 -17.43 10.12 17.35
C GLY A 311 -18.67 10.66 18.03
N CYS A 312 -18.54 11.79 18.70
CA CYS A 312 -19.68 12.39 19.39
C CYS A 312 -20.65 13.11 18.47
N SER A 313 -20.34 13.17 17.18
CA SER A 313 -21.21 13.86 16.22
C SER A 313 -22.04 12.88 15.39
N LEU A 314 -21.63 11.61 15.36
CA LEU A 314 -22.33 10.61 14.56
C LEU A 314 -23.57 10.01 15.21
N THR A 315 -24.60 9.80 14.40
CA THR A 315 -25.85 9.25 14.91
C THR A 315 -25.92 7.74 14.75
N ASN A 316 -24.96 7.15 14.03
CA ASN A 316 -24.98 5.70 13.82
C ASN A 316 -23.93 4.88 14.55
N ILE A 317 -23.53 5.35 15.72
CA ILE A 317 -22.60 4.60 16.56
C ILE A 317 -23.47 4.12 17.72
N ASN A 318 -23.83 2.84 17.71
CA ASN A 318 -24.66 2.27 18.75
C ASN A 318 -24.03 1.02 19.38
N HIS A 319 -22.70 1.00 19.39
CA HIS A 319 -21.93 -0.09 19.97
C HIS A 319 -20.72 0.51 20.67
N THR A 320 -20.02 -0.31 21.45
CA THR A 320 -18.84 0.13 22.20
C THR A 320 -17.68 0.35 21.22
N SER A 321 -16.96 1.45 21.40
CA SER A 321 -15.83 1.78 20.52
C SER A 321 -14.47 1.39 21.09
N ASP A 322 -13.39 1.68 20.35
CA ASP A 322 -12.05 1.24 20.77
C ASP A 322 -10.89 2.16 21.19
N PRO A 323 -10.94 3.46 20.86
CA PRO A 323 -9.81 4.31 21.25
C PRO A 323 -9.44 4.53 22.72
N THR A 324 -8.37 3.89 23.16
CA THR A 324 -7.88 4.04 24.54
C THR A 324 -6.39 4.35 24.55
N GLY A 325 -5.91 4.94 23.46
CA GLY A 325 -4.49 5.25 23.34
C GLY A 325 -3.82 5.88 24.55
N PRO A 326 -4.30 7.04 25.03
CA PRO A 326 -3.72 7.73 26.19
C PRO A 326 -3.69 6.91 27.47
N GLU A 327 -4.38 5.78 27.47
CA GLU A 327 -4.41 4.90 28.63
C GLU A 327 -3.38 3.79 28.48
N LEU A 328 -2.86 3.62 27.27
CA LEU A 328 -1.86 2.60 27.00
C LEU A 328 -0.44 3.16 26.98
N TYR A 329 -0.31 4.42 26.61
CA TYR A 329 0.99 5.07 26.53
C TYR A 329 1.45 5.65 27.87
N VAL A 330 2.75 5.48 28.16
CA VAL A 330 3.29 5.99 29.42
C VAL A 330 3.35 7.51 29.39
N GLY A 331 3.57 8.08 28.21
CA GLY A 331 3.63 9.52 28.09
C GLY A 331 2.76 10.07 26.97
N ASP A 332 2.82 11.38 26.80
CA ASP A 332 2.04 12.06 25.76
C ASP A 332 2.80 13.35 25.46
N VAL A 333 2.25 14.19 24.58
CA VAL A 333 2.92 15.44 24.24
C VAL A 333 2.04 16.65 24.50
N VAL A 334 1.05 16.49 25.37
CA VAL A 334 0.13 17.59 25.68
C VAL A 334 0.13 17.99 27.15
N LYS A 335 -0.43 19.17 27.41
CA LYS A 335 -0.54 19.71 28.76
C LYS A 335 -1.51 18.88 29.60
N ASN A 336 -2.65 18.54 29.01
CA ASN A 336 -3.68 17.74 29.68
C ASN A 336 -4.20 16.67 28.72
N ARG A 337 -3.99 15.41 29.07
CA ARG A 337 -4.44 14.30 28.23
C ARG A 337 -5.96 14.20 28.21
N VAL A 338 -6.51 13.57 27.16
CA VAL A 338 -7.96 13.42 27.08
C VAL A 338 -8.44 12.63 28.28
N THR A 339 -9.68 12.88 28.69
CA THR A 339 -10.22 12.20 29.87
C THR A 339 -11.06 10.95 29.64
N TYR A 340 -10.74 9.92 30.42
CA TYR A 340 -11.45 8.64 30.41
C TYR A 340 -12.02 8.43 31.81
N LYS A 341 -13.29 8.06 31.90
CA LYS A 341 -13.91 7.82 33.19
C LYS A 341 -15.01 6.78 33.06
N ASP A 342 -14.92 5.73 33.89
CA ASP A 342 -15.92 4.67 33.87
C ASP A 342 -16.07 4.05 32.48
N GLY A 343 -14.95 3.91 31.78
CA GLY A 343 -15.00 3.29 30.46
C GLY A 343 -15.55 4.16 29.34
N TYR A 344 -15.58 5.47 29.58
CA TYR A 344 -16.06 6.42 28.57
C TYR A 344 -14.96 7.42 28.19
N LEU A 345 -14.91 7.74 26.91
CA LEU A 345 -13.96 8.73 26.39
C LEU A 345 -14.79 10.01 26.25
N TYR A 346 -14.37 11.08 26.91
CA TYR A 346 -15.08 12.35 26.85
C TYR A 346 -14.50 13.25 25.77
N ALA A 347 -15.38 13.86 24.98
CA ALA A 347 -14.94 14.76 23.94
C ALA A 347 -14.40 16.01 24.64
N PRO A 348 -13.39 16.66 24.05
CA PRO A 348 -12.82 17.86 24.66
C PRO A 348 -13.86 18.97 24.85
N ASP A 349 -13.59 19.85 25.81
CA ASP A 349 -14.45 20.98 26.13
C ASP A 349 -14.92 21.69 24.86
N ARG A 350 -16.23 21.73 24.65
CA ARG A 350 -16.80 22.34 23.47
C ARG A 350 -16.59 23.85 23.42
N SER A 351 -16.23 24.44 24.56
CA SER A 351 -16.01 25.88 24.65
C SER A 351 -14.59 26.29 24.26
N VAL A 352 -13.70 25.30 24.15
CA VAL A 352 -12.31 25.56 23.79
C VAL A 352 -12.12 25.45 22.28
N LYS A 353 -11.68 26.54 21.65
CA LYS A 353 -11.49 26.53 20.20
C LYS A 353 -10.45 25.52 19.75
N GLY A 354 -10.65 24.95 18.56
CA GLY A 354 -9.73 23.96 18.05
C GLY A 354 -10.06 22.57 18.57
N LEU A 355 -9.04 21.70 18.60
CA LEU A 355 -9.21 20.34 19.07
C LEU A 355 -9.48 20.25 20.57
N GLY A 356 -9.14 21.31 21.30
CA GLY A 356 -9.38 21.33 22.73
C GLY A 356 -8.20 20.78 23.53
N ILE A 357 -7.05 20.69 22.86
CA ILE A 357 -5.84 20.19 23.49
C ILE A 357 -4.69 21.16 23.22
N GLU A 358 -3.66 21.12 24.05
CA GLU A 358 -2.51 21.99 23.87
C GLU A 358 -1.21 21.20 23.94
N LEU A 359 -0.33 21.42 22.98
CA LEU A 359 0.95 20.73 22.97
C LEU A 359 1.83 21.24 24.10
N ASP A 360 2.62 20.34 24.68
CA ASP A 360 3.54 20.71 25.74
C ASP A 360 4.92 20.58 25.12
N GLU A 361 5.52 21.71 24.76
CA GLU A 361 6.83 21.73 24.12
C GLU A 361 7.92 20.93 24.86
N SER A 362 7.87 20.91 26.19
CA SER A 362 8.88 20.17 26.93
C SER A 362 8.72 18.67 26.72
N LEU A 363 7.47 18.22 26.56
CA LEU A 363 7.20 16.80 26.34
C LEU A 363 7.54 16.41 24.90
N LEU A 364 7.28 17.33 23.98
CA LEU A 364 7.58 17.09 22.58
C LEU A 364 9.08 16.86 22.44
N ALA A 365 9.86 17.63 23.20
CA ALA A 365 11.31 17.50 23.17
C ALA A 365 11.76 16.22 23.87
N LYS A 366 11.11 15.92 24.99
CA LYS A 366 11.43 14.74 25.79
C LYS A 366 11.29 13.44 25.01
N TYR A 367 10.21 13.30 24.24
CA TYR A 367 9.98 12.08 23.49
C TYR A 367 10.42 12.14 22.03
N GLN A 368 11.14 13.19 21.67
CA GLN A 368 11.60 13.35 20.30
C GLN A 368 12.57 12.23 19.90
N VAL A 369 12.43 11.75 18.67
CA VAL A 369 13.32 10.72 18.14
C VAL A 369 13.84 11.28 16.82
N PRO A 370 15.05 10.88 16.41
CA PRO A 370 15.64 11.36 15.15
C PRO A 370 14.87 11.05 13.88
N ASP A 371 14.16 9.94 13.85
CA ASP A 371 13.41 9.55 12.67
C ASP A 371 12.37 8.50 13.03
N LEU A 372 11.83 7.84 12.01
CA LEU A 372 10.81 6.81 12.23
C LEU A 372 11.37 5.42 12.01
N SER A 373 12.70 5.28 12.09
CA SER A 373 13.33 3.98 11.88
C SER A 373 12.83 2.93 12.87
N TRP A 374 12.91 1.68 12.44
CA TRP A 374 12.47 0.55 13.25
C TRP A 374 13.55 0.08 14.21
N ASP A 375 13.10 -0.53 15.30
CA ASP A 375 13.99 -1.09 16.29
C ASP A 375 13.68 -2.58 16.17
N ASN A 376 14.33 -3.42 16.95
CA ASN A 376 14.08 -4.85 16.89
C ASN A 376 12.63 -5.17 17.25
N VAL A 377 11.98 -5.92 16.38
CA VAL A 377 10.58 -6.31 16.59
C VAL A 377 10.24 -7.44 15.62
N THR A 378 9.45 -8.41 16.08
CA THR A 378 9.07 -9.55 15.25
C THR A 378 7.69 -9.31 14.63
N VAL A 379 7.35 -10.11 13.63
CA VAL A 379 6.06 -9.99 12.96
C VAL A 379 4.94 -10.26 13.98
N HIS A 380 5.14 -11.28 14.83
CA HIS A 380 4.14 -11.61 15.84
C HIS A 380 3.88 -10.43 16.75
N GLN A 381 4.95 -9.73 17.15
CA GLN A 381 4.84 -8.58 18.02
C GLN A 381 4.15 -7.40 17.33
N LEU A 382 4.38 -7.26 16.03
CA LEU A 382 3.75 -6.20 15.28
C LEU A 382 2.25 -6.43 15.11
N GLN A 383 1.86 -7.69 14.95
CA GLN A 383 0.45 -7.97 14.80
C GLN A 383 -0.30 -8.03 16.13
N ASP A 384 0.43 -8.32 17.21
CA ASP A 384 -0.20 -8.41 18.53
C ASP A 384 0.07 -7.19 19.43
N ARG A 385 0.97 -6.32 18.99
CA ARG A 385 1.33 -5.11 19.74
C ARG A 385 1.93 -5.46 21.10
N THR A 386 2.71 -6.52 21.13
CA THR A 386 3.36 -7.00 22.34
C THR A 386 4.88 -6.74 22.32
N ALA A 387 5.55 -7.04 23.42
CA ALA A 387 6.99 -6.85 23.51
C ALA A 387 7.61 -7.79 24.54
N MET B 1 26.55 -22.52 3.18
CA MET B 1 26.23 -21.42 2.23
C MET B 1 25.26 -20.45 2.92
N LYS B 2 25.78 -19.37 3.49
CA LYS B 2 24.93 -18.41 4.20
C LYS B 2 25.17 -16.94 3.88
N ILE B 3 24.09 -16.17 3.94
CA ILE B 3 24.13 -14.73 3.69
C ILE B 3 24.82 -14.06 4.89
N THR B 4 25.72 -13.13 4.59
CA THR B 4 26.47 -12.45 5.64
C THR B 4 26.30 -10.94 5.66
N ASP B 5 25.96 -10.35 4.50
CA ASP B 5 25.80 -8.92 4.45
C ASP B 5 24.94 -8.49 3.27
N LEU B 6 24.55 -7.22 3.27
CA LEU B 6 23.70 -6.65 2.23
C LEU B 6 24.09 -5.20 1.95
N GLU B 7 24.07 -4.81 0.68
CA GLU B 7 24.38 -3.43 0.28
C GLU B 7 23.25 -2.95 -0.59
N LEU B 8 22.88 -1.69 -0.41
CA LEU B 8 21.82 -1.05 -1.18
C LEU B 8 22.41 0.22 -1.78
N HIS B 9 22.55 0.25 -3.10
CA HIS B 9 23.11 1.40 -3.79
C HIS B 9 22.01 2.19 -4.49
N ALA B 10 21.77 3.42 -4.05
CA ALA B 10 20.75 4.24 -4.66
C ALA B 10 21.31 5.01 -5.85
N VAL B 11 20.62 4.94 -6.98
CA VAL B 11 21.05 5.65 -8.17
C VAL B 11 19.89 6.43 -8.79
N GLY B 12 20.22 7.52 -9.46
CA GLY B 12 19.23 8.33 -10.13
C GLY B 12 19.64 8.33 -11.59
N ILE B 13 18.75 7.87 -12.46
CA ILE B 13 19.06 7.81 -13.89
C ILE B 13 17.89 8.37 -14.69
N PRO B 14 18.10 9.49 -15.38
CA PRO B 14 17.04 10.11 -16.18
C PRO B 14 16.78 9.38 -17.49
N ARG B 15 15.60 9.61 -18.05
CA ARG B 15 15.24 9.01 -19.33
C ARG B 15 15.58 10.05 -20.37
N HIS B 16 15.79 9.62 -21.61
CA HIS B 16 16.12 10.57 -22.67
C HIS B 16 15.09 11.69 -22.73
N THR B 17 13.84 11.33 -22.45
CA THR B 17 12.73 12.26 -22.49
C THR B 17 12.66 13.23 -21.30
N GLY B 18 13.52 13.03 -20.30
CA GLY B 18 13.53 13.94 -19.17
C GLY B 18 13.12 13.43 -17.80
N PHE B 19 12.19 12.48 -17.74
CA PHE B 19 11.77 11.97 -16.44
C PHE B 19 12.97 11.36 -15.72
N VAL B 20 13.10 11.65 -14.42
CA VAL B 20 14.22 11.11 -13.64
C VAL B 20 13.72 10.06 -12.66
N ASN B 21 14.27 8.85 -12.78
CA ASN B 21 13.89 7.74 -11.91
C ASN B 21 15.00 7.36 -10.95
N LYS B 22 14.60 6.92 -9.76
CA LYS B 22 15.56 6.47 -8.77
C LYS B 22 15.36 4.96 -8.63
N HIS B 23 16.47 4.24 -8.57
CA HIS B 23 16.45 2.79 -8.45
C HIS B 23 17.42 2.43 -7.34
N VAL B 24 17.35 1.19 -6.87
CA VAL B 24 18.28 0.74 -5.85
C VAL B 24 18.92 -0.56 -6.32
N ILE B 25 20.25 -0.56 -6.41
CA ILE B 25 20.98 -1.74 -6.82
C ILE B 25 21.32 -2.53 -5.57
N VAL B 26 21.00 -3.83 -5.60
CA VAL B 26 21.22 -4.73 -4.49
C VAL B 26 22.41 -5.65 -4.62
N LYS B 27 23.10 -5.86 -3.50
CA LYS B 27 24.23 -6.78 -3.43
C LYS B 27 24.04 -7.64 -2.19
N ILE B 28 23.92 -8.95 -2.38
CA ILE B 28 23.79 -9.87 -1.24
C ILE B 28 25.07 -10.68 -1.16
N HIS B 29 25.80 -10.51 -0.06
CA HIS B 29 27.07 -11.20 0.16
C HIS B 29 26.90 -12.49 0.97
N THR B 30 27.84 -13.41 0.81
CA THR B 30 27.78 -14.68 1.53
C THR B 30 29.12 -15.01 2.19
N ASP B 31 29.08 -15.97 3.11
CA ASP B 31 30.28 -16.39 3.82
C ASP B 31 31.35 -16.94 2.89
N GLU B 32 30.93 -17.48 1.74
CA GLU B 32 31.88 -18.05 0.78
C GLU B 32 32.38 -17.03 -0.24
N GLY B 33 32.03 -15.76 -0.04
CA GLY B 33 32.48 -14.71 -0.94
C GLY B 33 31.74 -14.55 -2.24
N LEU B 34 30.61 -15.23 -2.40
CA LEU B 34 29.83 -15.12 -3.62
C LEU B 34 28.76 -14.05 -3.43
N THR B 35 28.65 -13.14 -4.39
CA THR B 35 27.69 -12.04 -4.29
C THR B 35 26.59 -12.06 -5.37
N GLY B 36 25.35 -11.89 -4.93
CA GLY B 36 24.25 -11.86 -5.88
C GLY B 36 23.86 -10.40 -6.09
N ILE B 37 23.55 -10.03 -7.33
CA ILE B 37 23.16 -8.66 -7.61
C ILE B 37 21.70 -8.61 -8.05
N GLY B 38 21.00 -7.58 -7.58
CA GLY B 38 19.61 -7.43 -7.92
C GLY B 38 19.22 -5.98 -8.14
N GLU B 39 17.93 -5.74 -8.38
CA GLU B 39 17.49 -4.39 -8.63
C GLU B 39 16.08 -4.11 -8.13
N MET B 40 15.95 -3.09 -7.29
CA MET B 40 14.64 -2.64 -6.79
C MET B 40 14.37 -1.53 -7.80
N SER B 41 13.66 -1.88 -8.87
CA SER B 41 13.38 -0.96 -9.95
C SER B 41 12.35 0.15 -9.78
N ASP B 42 12.71 1.32 -10.31
CA ASP B 42 11.85 2.49 -10.35
C ASP B 42 10.96 2.79 -9.14
N PHE B 43 11.52 3.44 -8.12
CA PHE B 43 10.75 3.81 -6.94
C PHE B 43 9.94 5.07 -7.22
N SER B 44 10.21 5.71 -8.35
CA SER B 44 9.56 6.96 -8.72
C SER B 44 8.12 6.89 -9.21
N HIS B 45 7.27 6.33 -8.35
CA HIS B 45 5.83 6.20 -8.62
C HIS B 45 5.15 6.63 -7.33
N LEU B 46 3.88 6.99 -7.41
CA LEU B 46 3.15 7.39 -6.20
C LEU B 46 3.05 6.14 -5.31
N PRO B 47 2.88 6.32 -3.99
CA PRO B 47 2.77 7.55 -3.21
C PRO B 47 4.00 8.44 -3.15
N LEU B 48 3.75 9.72 -2.87
CA LEU B 48 4.80 10.73 -2.82
C LEU B 48 5.61 10.78 -1.53
N TYR B 49 6.11 9.63 -1.07
CA TYR B 49 6.99 9.60 0.09
C TYR B 49 8.16 8.69 -0.28
N SER B 50 9.22 8.72 0.50
CA SER B 50 10.38 7.90 0.18
C SER B 50 10.81 7.07 1.37
N VAL B 51 11.38 5.91 1.06
CA VAL B 51 11.83 4.96 2.06
C VAL B 51 13.25 5.22 2.52
N ASP B 52 13.45 5.19 3.84
CA ASP B 52 14.76 5.40 4.47
C ASP B 52 15.60 4.16 4.19
N LEU B 53 16.66 4.30 3.40
CA LEU B 53 17.49 3.15 3.04
C LEU B 53 18.41 2.61 4.12
N HIS B 54 18.77 3.45 5.08
CA HIS B 54 19.64 3.00 6.17
C HIS B 54 18.80 2.07 7.04
N ASP B 55 17.57 2.49 7.31
CA ASP B 55 16.65 1.69 8.10
C ASP B 55 16.30 0.41 7.34
N LEU B 56 16.04 0.54 6.04
CA LEU B 56 15.68 -0.63 5.24
C LEU B 56 16.76 -1.70 5.22
N LYS B 57 18.02 -1.29 5.10
CA LYS B 57 19.11 -2.26 5.11
C LYS B 57 19.10 -3.08 6.39
N GLN B 58 18.90 -2.41 7.52
CA GLN B 58 18.88 -3.11 8.82
C GLN B 58 17.72 -4.10 8.86
N GLY B 59 16.56 -3.66 8.42
CA GLY B 59 15.39 -4.53 8.42
C GLY B 59 15.56 -5.74 7.54
N LEU B 60 16.09 -5.54 6.33
CA LEU B 60 16.31 -6.65 5.41
C LEU B 60 17.39 -7.58 5.93
N LEU B 61 18.42 -7.01 6.53
CA LEU B 61 19.51 -7.83 7.09
C LEU B 61 18.98 -8.75 8.19
N SER B 62 18.09 -8.23 9.03
CA SER B 62 17.54 -9.03 10.12
C SER B 62 16.83 -10.26 9.55
N ILE B 63 16.25 -10.11 8.37
CA ILE B 63 15.55 -11.22 7.72
C ILE B 63 16.53 -12.18 7.05
N LEU B 64 17.43 -11.61 6.26
CA LEU B 64 18.40 -12.38 5.47
C LEU B 64 19.62 -12.98 6.16
N LEU B 65 20.18 -12.26 7.12
CA LEU B 65 21.38 -12.72 7.82
C LEU B 65 21.36 -14.19 8.24
N GLY B 66 22.41 -14.91 7.85
CA GLY B 66 22.54 -16.32 8.22
C GLY B 66 21.74 -17.31 7.41
N GLN B 67 20.87 -16.83 6.52
CA GLN B 67 20.04 -17.74 5.73
C GLN B 67 20.73 -18.36 4.52
N ASN B 68 20.22 -19.52 4.12
CA ASN B 68 20.71 -20.26 2.98
C ASN B 68 19.94 -19.67 1.79
N PRO B 69 20.64 -19.03 0.84
CA PRO B 69 19.98 -18.41 -0.31
C PRO B 69 19.11 -19.36 -1.14
N PHE B 70 19.34 -20.65 -1.01
CA PHE B 70 18.56 -21.63 -1.75
C PHE B 70 17.16 -21.83 -1.17
N ASP B 71 16.95 -21.35 0.05
CA ASP B 71 15.64 -21.46 0.69
C ASP B 71 14.75 -20.34 0.19
N LEU B 72 14.49 -20.32 -1.11
CA LEU B 72 13.67 -19.27 -1.70
C LEU B 72 12.25 -19.18 -1.18
N MET B 73 11.60 -20.31 -0.94
CA MET B 73 10.22 -20.27 -0.45
C MET B 73 10.17 -19.69 0.97
N LYS B 74 11.10 -20.14 1.81
CA LYS B 74 11.17 -19.67 3.19
C LYS B 74 11.46 -18.17 3.23
N ILE B 75 12.49 -17.74 2.52
CA ILE B 75 12.86 -16.33 2.51
C ILE B 75 11.75 -15.45 1.94
N ASN B 76 11.13 -15.88 0.86
CA ASN B 76 10.06 -15.09 0.28
C ASN B 76 8.86 -14.98 1.20
N LYS B 77 8.62 -16.02 1.99
CA LYS B 77 7.50 -16.00 2.94
C LYS B 77 7.81 -14.94 4.00
N GLU B 78 9.04 -14.94 4.49
CA GLU B 78 9.45 -13.97 5.50
C GLU B 78 9.46 -12.55 4.93
N LEU B 79 9.79 -12.42 3.65
CA LEU B 79 9.81 -11.10 3.01
C LEU B 79 8.37 -10.58 2.93
N THR B 80 7.45 -11.43 2.51
CA THR B 80 6.06 -11.00 2.41
C THR B 80 5.46 -10.75 3.79
N ASP B 81 5.95 -11.46 4.80
CA ASP B 81 5.46 -11.28 6.17
C ASP B 81 5.77 -9.86 6.63
N ASN B 82 6.95 -9.37 6.27
CA ASN B 82 7.40 -8.04 6.66
C ASN B 82 7.01 -6.91 5.71
N PHE B 83 6.73 -7.26 4.45
CA PHE B 83 6.34 -6.29 3.43
C PHE B 83 5.15 -6.91 2.70
N PRO B 84 3.99 -6.96 3.37
CA PRO B 84 2.77 -7.53 2.81
C PRO B 84 2.22 -6.92 1.54
N GLU B 85 1.55 -7.73 0.74
CA GLU B 85 0.92 -7.26 -0.49
C GLU B 85 -0.19 -6.32 -0.05
N THR B 86 -0.42 -5.27 -0.83
CA THR B 86 -1.42 -4.28 -0.46
C THR B 86 -2.58 -4.05 -1.42
N MET B 87 -2.61 -4.77 -2.54
CA MET B 87 -3.67 -4.58 -3.52
C MET B 87 -3.46 -3.23 -4.23
N TYR B 88 -2.21 -2.77 -4.22
CA TYR B 88 -1.86 -1.50 -4.86
C TYR B 88 -0.76 -1.75 -5.90
N TYR B 89 -1.00 -1.22 -7.09
CA TYR B 89 -0.11 -1.34 -8.24
C TYR B 89 1.35 -0.98 -7.92
N PHE B 90 1.55 0.18 -7.30
CA PHE B 90 2.91 0.64 -7.01
C PHE B 90 3.38 0.55 -5.54
N GLU B 91 3.05 -0.54 -4.86
CA GLU B 91 3.50 -0.70 -3.47
C GLU B 91 5.02 -0.79 -3.44
N LYS B 92 5.67 0.15 -2.77
CA LYS B 92 7.12 0.15 -2.70
C LYS B 92 7.69 -1.13 -2.10
N GLY B 93 6.92 -1.80 -1.24
CA GLY B 93 7.40 -3.05 -0.65
C GLY B 93 7.56 -4.11 -1.72
N SER B 94 6.77 -4.00 -2.78
CA SER B 94 6.87 -4.97 -3.86
C SER B 94 8.20 -4.79 -4.59
N PHE B 95 8.60 -3.52 -4.78
CA PHE B 95 9.86 -3.23 -5.47
C PHE B 95 11.03 -3.73 -4.62
N ILE B 96 10.90 -3.59 -3.31
CA ILE B 96 11.92 -4.01 -2.36
C ILE B 96 12.09 -5.53 -2.39
N ARG B 97 11.00 -6.27 -2.27
CA ARG B 97 11.08 -7.73 -2.31
C ARG B 97 11.66 -8.19 -3.64
N ASN B 98 11.25 -7.52 -4.72
CA ASN B 98 11.72 -7.86 -6.06
C ASN B 98 13.25 -7.83 -6.12
N GLY B 99 13.84 -6.76 -5.57
CA GLY B 99 15.28 -6.61 -5.59
C GLY B 99 16.03 -7.67 -4.82
N ILE B 100 15.46 -8.13 -3.72
CA ILE B 100 16.08 -9.15 -2.90
C ILE B 100 15.95 -10.51 -3.58
N ASP B 101 14.76 -10.81 -4.07
CA ASP B 101 14.53 -12.08 -4.72
C ASP B 101 15.31 -12.26 -6.03
N ASN B 102 15.42 -11.23 -6.85
CA ASN B 102 16.18 -11.42 -8.08
C ASN B 102 17.68 -11.52 -7.79
N ALA B 103 18.12 -10.88 -6.71
CA ALA B 103 19.52 -10.95 -6.30
C ALA B 103 19.79 -12.38 -5.82
N LEU B 104 18.81 -12.96 -5.13
CA LEU B 104 18.94 -14.33 -4.66
C LEU B 104 19.00 -15.29 -5.83
N HIS B 105 18.26 -15.02 -6.90
CA HIS B 105 18.32 -15.89 -8.07
C HIS B 105 19.70 -15.82 -8.69
N ASP B 106 20.24 -14.61 -8.77
CA ASP B 106 21.58 -14.38 -9.33
C ASP B 106 22.58 -15.18 -8.51
N LEU B 107 22.47 -15.03 -7.19
CA LEU B 107 23.36 -15.71 -6.25
C LEU B 107 23.34 -17.23 -6.41
N CYS B 108 22.15 -17.82 -6.31
CA CYS B 108 22.01 -19.28 -6.44
C CYS B 108 22.56 -19.79 -7.78
N ALA B 109 22.20 -19.12 -8.86
CA ALA B 109 22.65 -19.53 -10.19
C ALA B 109 24.18 -19.51 -10.27
N LYS B 110 24.78 -18.42 -9.81
CA LYS B 110 26.24 -18.29 -9.82
C LYS B 110 26.89 -19.42 -9.04
N TYR B 111 26.33 -19.73 -7.87
CA TYR B 111 26.86 -20.80 -7.02
C TYR B 111 26.86 -22.13 -7.76
N LEU B 112 25.82 -22.37 -8.56
CA LEU B 112 25.72 -23.62 -9.29
C LEU B 112 26.38 -23.55 -10.66
N ASP B 113 26.92 -22.39 -11.00
CA ASP B 113 27.59 -22.17 -12.28
C ASP B 113 26.66 -22.40 -13.46
N ILE B 114 25.46 -21.84 -13.37
CA ILE B 114 24.47 -21.93 -14.43
C ILE B 114 23.78 -20.57 -14.59
N SER B 115 23.09 -20.40 -15.71
CA SER B 115 22.36 -19.17 -15.97
C SER B 115 21.08 -19.21 -15.14
N VAL B 116 20.57 -18.03 -14.78
CA VAL B 116 19.32 -17.97 -14.02
C VAL B 116 18.25 -18.67 -14.86
N SER B 117 18.43 -18.63 -16.17
CA SER B 117 17.49 -19.27 -17.09
C SER B 117 17.29 -20.75 -16.73
N ASP B 118 18.39 -21.46 -16.48
CA ASP B 118 18.31 -22.88 -16.13
C ASP B 118 17.80 -23.12 -14.72
N PHE B 119 17.71 -22.04 -13.94
CA PHE B 119 17.22 -22.13 -12.57
C PHE B 119 15.71 -21.84 -12.54
N LEU B 120 15.17 -21.36 -13.67
CA LEU B 120 13.74 -21.03 -13.77
C LEU B 120 12.92 -21.96 -14.67
N GLY B 121 13.52 -23.03 -15.16
CA GLY B 121 12.76 -23.93 -16.02
C GLY B 121 13.27 -24.00 -17.45
N GLY B 122 14.40 -23.38 -17.71
CA GLY B 122 14.98 -23.42 -19.05
C GLY B 122 14.41 -22.46 -20.07
N ARG B 123 14.60 -22.79 -21.34
CA ARG B 123 14.15 -21.95 -22.44
C ARG B 123 13.04 -22.54 -23.30
N VAL B 124 12.09 -21.67 -23.66
CA VAL B 124 10.97 -22.03 -24.53
C VAL B 124 11.25 -21.22 -25.80
N LYS B 125 11.98 -20.12 -25.62
CA LYS B 125 12.37 -19.25 -26.72
C LYS B 125 13.66 -18.55 -26.28
N GLU B 126 14.35 -17.91 -27.22
CA GLU B 126 15.61 -17.23 -26.89
C GLU B 126 15.46 -15.72 -26.82
N LYS B 127 14.30 -15.23 -27.23
CA LYS B 127 14.05 -13.80 -27.21
C LYS B 127 12.53 -13.59 -27.17
N ILE B 128 12.12 -12.43 -26.69
CA ILE B 128 10.70 -12.14 -26.62
C ILE B 128 10.40 -10.80 -27.29
N LYS B 129 9.35 -10.77 -28.09
CA LYS B 129 8.98 -9.54 -28.77
C LYS B 129 8.49 -8.53 -27.75
N VAL B 130 8.97 -7.29 -27.86
CA VAL B 130 8.57 -6.23 -26.96
C VAL B 130 8.08 -5.06 -27.79
N CYS B 131 7.66 -3.99 -27.12
CA CYS B 131 7.18 -2.81 -27.83
C CYS B 131 7.71 -1.55 -27.16
N TYR B 132 7.81 -0.49 -27.95
CA TYR B 132 8.29 0.79 -27.45
C TYR B 132 7.07 1.64 -27.07
N PRO B 133 7.09 2.26 -25.87
CA PRO B 133 5.98 3.09 -25.39
C PRO B 133 5.87 4.50 -25.98
N ILE B 134 4.65 4.87 -26.37
CA ILE B 134 4.40 6.20 -26.89
C ILE B 134 3.57 6.92 -25.83
N PHE B 135 4.06 8.10 -25.45
CA PHE B 135 3.46 8.96 -24.44
C PHE B 135 1.99 9.28 -24.61
N ARG B 136 1.30 9.41 -23.49
CA ARG B 136 -0.10 9.77 -23.48
C ARG B 136 -0.21 11.19 -24.02
N HIS B 137 -1.16 11.42 -24.92
CA HIS B 137 -1.36 12.75 -25.48
C HIS B 137 -2.26 13.59 -24.58
N ARG B 138 -1.73 14.69 -24.08
CA ARG B 138 -2.50 15.61 -23.23
C ARG B 138 -3.12 16.66 -24.16
N PHE B 139 -2.35 17.06 -25.17
CA PHE B 139 -2.80 18.06 -26.15
C PHE B 139 -2.49 17.60 -27.57
N SER B 140 -3.25 18.08 -28.53
CA SER B 140 -3.05 17.70 -29.93
C SER B 140 -1.72 18.17 -30.51
N GLU B 141 -1.11 19.19 -29.90
CA GLU B 141 0.15 19.69 -30.40
C GLU B 141 1.30 18.73 -30.13
N GLU B 142 1.04 17.71 -29.33
CA GLU B 142 2.07 16.73 -29.00
C GLU B 142 2.16 15.62 -30.04
N VAL B 143 1.16 15.53 -30.91
CA VAL B 143 1.10 14.49 -31.94
C VAL B 143 2.36 14.43 -32.82
N GLU B 144 2.79 15.58 -33.32
CA GLU B 144 3.95 15.64 -34.19
C GLU B 144 5.18 15.01 -33.55
N SER B 145 5.49 15.41 -32.32
CA SER B 145 6.64 14.88 -31.60
C SER B 145 6.57 13.36 -31.41
N ASN B 146 5.37 12.86 -31.15
CA ASN B 146 5.22 11.42 -30.95
C ASN B 146 5.39 10.67 -32.27
N LEU B 147 5.00 11.29 -33.37
CA LEU B 147 5.16 10.67 -34.68
C LEU B 147 6.65 10.56 -34.99
N ASP B 148 7.42 11.55 -34.56
CA ASP B 148 8.86 11.56 -34.77
C ASP B 148 9.47 10.38 -34.02
N VAL B 149 8.96 10.15 -32.81
CA VAL B 149 9.45 9.04 -31.98
C VAL B 149 9.21 7.73 -32.70
N VAL B 150 8.00 7.55 -33.23
CA VAL B 150 7.68 6.32 -33.96
C VAL B 150 8.58 6.15 -35.17
N ARG B 151 8.78 7.22 -35.93
CA ARG B 151 9.61 7.14 -37.11
C ARG B 151 11.04 6.75 -36.78
N GLN B 152 11.62 7.37 -35.74
CA GLN B 152 12.99 7.07 -35.33
C GLN B 152 13.13 5.66 -34.78
N LYS B 153 12.23 5.27 -33.88
CA LYS B 153 12.32 3.94 -33.29
C LYS B 153 12.13 2.84 -34.33
N LEU B 154 11.28 3.08 -35.32
CA LEU B 154 11.08 2.07 -36.37
C LEU B 154 12.39 1.86 -37.13
N GLU B 155 13.07 2.96 -37.47
CA GLU B 155 14.35 2.87 -38.19
C GLU B 155 15.35 2.08 -37.36
N GLN B 156 15.22 2.19 -36.04
CA GLN B 156 16.12 1.52 -35.11
C GLN B 156 15.75 0.06 -34.86
N GLY B 157 14.65 -0.40 -35.45
CA GLY B 157 14.26 -1.78 -35.27
C GLY B 157 12.95 -2.06 -34.54
N PHE B 158 12.43 -1.07 -33.83
CA PHE B 158 11.17 -1.29 -33.10
C PHE B 158 9.98 -1.06 -34.01
N ASP B 159 9.35 -2.15 -34.45
CA ASP B 159 8.20 -2.05 -35.34
C ASP B 159 6.87 -2.19 -34.60
N VAL B 160 6.95 -2.46 -33.30
CA VAL B 160 5.75 -2.58 -32.48
C VAL B 160 5.82 -1.58 -31.33
N PHE B 161 4.71 -0.90 -31.07
CA PHE B 161 4.62 0.10 -30.01
C PHE B 161 3.37 -0.15 -29.19
N ARG B 162 3.23 0.62 -28.11
CA ARG B 162 2.03 0.58 -27.30
C ARG B 162 1.75 2.06 -27.04
N LEU B 163 0.49 2.42 -26.91
CA LEU B 163 0.10 3.81 -26.70
C LEU B 163 -0.69 4.04 -25.43
N TYR B 164 -0.24 4.99 -24.62
CA TYR B 164 -0.97 5.33 -23.40
C TYR B 164 -2.08 6.27 -23.87
N VAL B 165 -3.31 5.99 -23.47
CA VAL B 165 -4.45 6.79 -23.91
C VAL B 165 -5.39 7.14 -22.75
N GLY B 166 -6.47 7.87 -23.07
CA GLY B 166 -7.45 8.20 -22.05
C GLY B 166 -7.56 9.61 -21.49
N LYS B 167 -6.57 10.45 -21.76
CA LYS B 167 -6.59 11.82 -21.23
C LYS B 167 -7.24 12.79 -22.22
N ASN B 168 -6.95 12.61 -23.50
CA ASN B 168 -7.49 13.45 -24.57
C ASN B 168 -7.79 12.54 -25.75
N LEU B 169 -8.98 11.97 -25.78
CA LEU B 169 -9.38 11.05 -26.84
C LEU B 169 -9.25 11.61 -28.25
N ASP B 170 -9.43 12.93 -28.40
CA ASP B 170 -9.31 13.54 -29.72
C ASP B 170 -7.87 13.46 -30.20
N ALA B 171 -6.93 13.71 -29.28
CA ALA B 171 -5.52 13.66 -29.60
C ALA B 171 -5.07 12.22 -29.87
N ASP B 172 -5.57 11.28 -29.06
CA ASP B 172 -5.21 9.88 -29.23
C ASP B 172 -5.59 9.47 -30.65
N GLU B 173 -6.84 9.78 -31.01
CA GLU B 173 -7.37 9.44 -32.31
C GLU B 173 -6.62 10.10 -33.47
N GLU B 174 -6.13 11.32 -33.27
CA GLU B 174 -5.39 12.02 -34.31
C GLU B 174 -4.04 11.34 -34.54
N PHE B 175 -3.41 10.90 -33.45
CA PHE B 175 -2.13 10.22 -33.53
C PHE B 175 -2.30 8.92 -34.31
N LEU B 176 -3.24 8.09 -33.89
CA LEU B 176 -3.49 6.82 -34.55
C LEU B 176 -3.79 7.01 -36.03
N SER B 177 -4.57 8.04 -36.33
CA SER B 177 -4.91 8.35 -37.73
C SER B 177 -3.63 8.67 -38.50
N ARG B 178 -2.78 9.51 -37.91
CA ARG B 178 -1.53 9.90 -38.55
C ARG B 178 -0.58 8.72 -38.74
N VAL B 179 -0.48 7.86 -37.73
CA VAL B 179 0.39 6.69 -37.82
C VAL B 179 -0.03 5.77 -38.97
N LYS B 180 -1.31 5.43 -39.05
CA LYS B 180 -1.76 4.55 -40.12
C LYS B 180 -1.50 5.17 -41.48
N GLU B 181 -1.69 6.48 -41.58
CA GLU B 181 -1.49 7.19 -42.83
C GLU B 181 -0.04 7.20 -43.32
N GLU B 182 0.89 7.44 -42.39
CA GLU B 182 2.30 7.48 -42.76
C GLU B 182 2.99 6.13 -42.88
N PHE B 183 2.73 5.25 -41.93
CA PHE B 183 3.39 3.95 -41.93
C PHE B 183 2.59 2.77 -42.47
N GLY B 184 1.28 2.98 -42.67
CA GLY B 184 0.45 1.92 -43.19
C GLY B 184 0.41 0.69 -42.31
N SER B 185 1.14 -0.35 -42.69
CA SER B 185 1.18 -1.58 -41.93
C SER B 185 2.59 -1.87 -41.41
N ARG B 186 3.51 -0.94 -41.67
CA ARG B 186 4.89 -1.08 -41.25
C ARG B 186 5.04 -1.04 -39.73
N VAL B 187 4.08 -0.42 -39.05
CA VAL B 187 4.13 -0.33 -37.59
C VAL B 187 2.84 -0.86 -36.96
N ARG B 188 3.00 -1.48 -35.81
CA ARG B 188 1.87 -2.02 -35.06
C ARG B 188 1.82 -1.38 -33.69
N ILE B 189 0.61 -1.14 -33.18
CA ILE B 189 0.43 -0.58 -31.85
C ILE B 189 -0.39 -1.68 -31.18
N LYS B 190 0.32 -2.54 -30.44
CA LYS B 190 -0.28 -3.70 -29.82
C LYS B 190 -1.18 -3.48 -28.62
N SER B 191 -1.05 -2.33 -27.97
CA SER B 191 -1.87 -2.05 -26.81
C SER B 191 -2.22 -0.57 -26.63
N TYR B 192 -3.43 -0.33 -26.14
CA TYR B 192 -3.92 1.00 -25.81
C TYR B 192 -4.07 0.86 -24.31
N ASP B 193 -3.23 1.56 -23.55
CA ASP B 193 -3.21 1.47 -22.10
C ASP B 193 -3.89 2.68 -21.45
N PHE B 194 -5.01 2.43 -20.78
CA PHE B 194 -5.78 3.50 -20.13
C PHE B 194 -5.25 3.93 -18.76
N SER B 195 -4.33 3.15 -18.21
CA SER B 195 -3.74 3.45 -16.91
C SER B 195 -4.75 3.66 -15.79
N HIS B 196 -5.86 2.90 -15.85
CA HIS B 196 -6.90 2.98 -14.83
C HIS B 196 -7.53 4.36 -14.68
N LEU B 197 -7.40 5.20 -15.70
CA LEU B 197 -7.93 6.56 -15.65
C LEU B 197 -9.44 6.73 -15.80
N LEU B 198 -10.08 5.81 -16.48
CA LEU B 198 -11.52 5.90 -16.75
C LEU B 198 -12.38 4.80 -16.13
N ASN B 199 -13.64 5.12 -15.82
CA ASN B 199 -14.56 4.12 -15.30
C ASN B 199 -14.84 3.25 -16.52
N TRP B 200 -15.28 2.01 -16.32
CA TRP B 200 -15.47 1.13 -17.46
C TRP B 200 -16.38 1.59 -18.59
N LYS B 201 -17.49 2.25 -18.28
CA LYS B 201 -18.37 2.72 -19.35
C LYS B 201 -17.71 3.81 -20.18
N ASP B 202 -16.99 4.71 -19.53
CA ASP B 202 -16.32 5.77 -20.27
C ASP B 202 -15.23 5.14 -21.14
N ALA B 203 -14.56 4.13 -20.60
CA ALA B 203 -13.51 3.43 -21.35
C ALA B 203 -14.13 2.74 -22.54
N HIS B 204 -15.35 2.22 -22.37
CA HIS B 204 -16.04 1.54 -23.45
C HIS B 204 -16.24 2.48 -24.64
N ARG B 205 -16.69 3.71 -24.37
CA ARG B 205 -16.90 4.68 -25.45
C ARG B 205 -15.57 5.04 -26.09
N ALA B 206 -14.53 5.12 -25.26
CA ALA B 206 -13.19 5.44 -25.75
C ALA B 206 -12.70 4.31 -26.63
N ILE B 207 -12.84 3.08 -26.14
CA ILE B 207 -12.41 1.90 -26.87
C ILE B 207 -13.15 1.81 -28.20
N LYS B 208 -14.44 2.12 -28.18
CA LYS B 208 -15.26 2.05 -29.39
C LYS B 208 -14.69 2.95 -30.49
N ARG B 209 -14.19 4.12 -30.11
CA ARG B 209 -13.64 5.03 -31.11
C ARG B 209 -12.19 4.74 -31.45
N LEU B 210 -11.39 4.36 -30.46
CA LEU B 210 -9.98 4.07 -30.72
C LEU B 210 -9.79 2.80 -31.54
N THR B 211 -10.66 1.81 -31.34
CA THR B 211 -10.54 0.56 -32.08
C THR B 211 -10.91 0.69 -33.55
N LYS B 212 -11.24 1.91 -33.98
CA LYS B 212 -11.56 2.13 -35.38
C LYS B 212 -10.23 2.07 -36.10
N TYR B 213 -9.16 2.12 -35.32
CA TYR B 213 -7.80 2.06 -35.83
C TYR B 213 -7.18 0.79 -35.25
N ASP B 214 -7.05 -0.24 -36.09
CA ASP B 214 -6.47 -1.50 -35.67
C ASP B 214 -5.16 -1.75 -36.39
N LEU B 215 -4.06 -1.33 -35.78
CA LEU B 215 -2.74 -1.52 -36.34
C LEU B 215 -2.12 -2.70 -35.60
N GLY B 216 -2.65 -3.88 -35.85
CA GLY B 216 -2.15 -5.05 -35.16
C GLY B 216 -2.43 -4.97 -33.66
N LEU B 217 -3.57 -4.38 -33.30
CA LEU B 217 -3.93 -4.27 -31.89
C LEU B 217 -4.07 -5.66 -31.28
N GLU B 218 -3.46 -5.86 -30.11
CA GLU B 218 -3.47 -7.13 -29.41
C GLU B 218 -4.27 -7.12 -28.12
N MET B 219 -4.38 -5.95 -27.49
CA MET B 219 -5.07 -5.86 -26.21
C MET B 219 -5.39 -4.43 -25.81
N ILE B 220 -6.32 -4.29 -24.87
CA ILE B 220 -6.70 -3.00 -24.31
C ILE B 220 -6.30 -3.20 -22.85
N GLU B 221 -5.40 -2.37 -22.34
CA GLU B 221 -4.93 -2.53 -20.97
C GLU B 221 -5.47 -1.55 -19.93
N SER B 222 -5.77 -2.10 -18.76
CA SER B 222 -6.28 -1.34 -17.61
C SER B 222 -7.43 -0.37 -17.94
N PRO B 223 -8.45 -0.85 -18.68
CA PRO B 223 -9.60 -0.01 -19.05
C PRO B 223 -10.65 0.23 -17.95
N ALA B 224 -10.28 0.02 -16.70
CA ALA B 224 -11.19 0.27 -15.58
C ALA B 224 -10.35 0.68 -14.38
N PRO B 225 -11.00 1.24 -13.34
CA PRO B 225 -10.25 1.67 -12.14
C PRO B 225 -9.50 0.49 -11.51
N ARG B 226 -8.52 0.80 -10.68
CA ARG B 226 -7.75 -0.25 -10.02
C ARG B 226 -8.69 -1.13 -9.19
N ASN B 227 -8.53 -2.44 -9.32
CA ASN B 227 -9.31 -3.43 -8.60
C ASN B 227 -10.81 -3.49 -8.90
N ASP B 228 -11.23 -2.89 -10.01
CA ASP B 228 -12.64 -2.92 -10.39
C ASP B 228 -12.87 -4.16 -11.23
N PHE B 229 -12.83 -5.31 -10.56
CA PHE B 229 -13.00 -6.60 -11.22
C PHE B 229 -14.31 -6.72 -11.99
N ASP B 230 -15.41 -6.24 -11.42
CA ASP B 230 -16.68 -6.33 -12.12
C ASP B 230 -16.68 -5.47 -13.38
N GLY B 231 -16.06 -4.30 -13.29
CA GLY B 231 -16.00 -3.41 -14.45
C GLY B 231 -15.21 -4.05 -15.58
N LEU B 232 -14.08 -4.66 -15.23
CA LEU B 232 -13.24 -5.32 -16.22
C LEU B 232 -14.03 -6.44 -16.90
N TYR B 233 -14.78 -7.20 -16.11
CA TYR B 233 -15.59 -8.29 -16.65
C TYR B 233 -16.64 -7.77 -17.62
N GLN B 234 -17.40 -6.74 -17.21
CA GLN B 234 -18.43 -6.18 -18.06
C GLN B 234 -17.83 -5.68 -19.38
N LEU B 235 -16.65 -5.08 -19.29
CA LEU B 235 -15.99 -4.55 -20.48
C LEU B 235 -15.44 -5.69 -21.33
N ARG B 236 -15.05 -6.79 -20.70
CA ARG B 236 -14.53 -7.95 -21.41
C ARG B 236 -15.63 -8.56 -22.28
N LEU B 237 -16.88 -8.41 -21.84
CA LEU B 237 -18.04 -8.96 -22.55
C LEU B 237 -18.49 -8.07 -23.70
N LYS B 238 -18.13 -6.79 -23.62
CA LYS B 238 -18.50 -5.82 -24.66
C LYS B 238 -17.37 -5.50 -25.62
N THR B 239 -16.18 -6.04 -25.37
CA THR B 239 -15.02 -5.77 -26.22
C THR B 239 -14.56 -7.03 -26.96
N ASP B 240 -14.34 -6.92 -28.26
CA ASP B 240 -13.86 -8.07 -29.03
C ASP B 240 -12.40 -8.34 -28.70
N TYR B 241 -11.65 -7.26 -28.45
CA TYR B 241 -10.23 -7.36 -28.15
C TYR B 241 -9.97 -7.86 -26.73
N PRO B 242 -8.84 -8.55 -26.53
CA PRO B 242 -8.52 -9.06 -25.20
C PRO B 242 -8.30 -7.89 -24.26
N ILE B 243 -8.70 -8.08 -23.00
CA ILE B 243 -8.54 -7.09 -21.96
C ILE B 243 -7.37 -7.56 -21.11
N SER B 244 -6.40 -6.68 -20.89
CA SER B 244 -5.24 -7.04 -20.10
C SER B 244 -5.17 -6.15 -18.86
N GLU B 245 -4.65 -6.71 -17.78
CA GLU B 245 -4.51 -5.96 -16.55
C GLU B 245 -3.28 -6.45 -15.81
N HIS B 246 -2.66 -5.55 -15.05
CA HIS B 246 -1.48 -5.85 -14.26
C HIS B 246 -1.80 -6.68 -13.04
N VAL B 247 -0.87 -7.54 -12.65
CA VAL B 247 -1.03 -8.34 -11.44
C VAL B 247 -0.15 -7.67 -10.38
N TRP B 248 -0.78 -7.09 -9.37
CA TRP B 248 -0.03 -6.42 -8.31
C TRP B 248 -0.11 -7.12 -6.95
N SER B 249 -0.95 -8.14 -6.85
CA SER B 249 -1.06 -8.92 -5.61
C SER B 249 -1.74 -10.25 -5.93
N PHE B 250 -1.47 -11.28 -5.13
CA PHE B 250 -2.09 -12.58 -5.37
C PHE B 250 -3.59 -12.49 -5.15
N LYS B 251 -4.02 -11.74 -4.14
CA LYS B 251 -5.45 -11.58 -3.87
C LYS B 251 -6.14 -10.97 -5.09
N GLN B 252 -5.54 -9.93 -5.65
CA GLN B 252 -6.11 -9.27 -6.83
C GLN B 252 -6.13 -10.23 -8.00
N GLN B 253 -5.07 -11.02 -8.17
CA GLN B 253 -5.03 -11.96 -9.27
C GLN B 253 -6.10 -13.03 -9.11
N GLN B 254 -6.23 -13.57 -7.89
CA GLN B 254 -7.23 -14.59 -7.59
C GLN B 254 -8.62 -14.06 -7.96
N GLU B 255 -8.92 -12.85 -7.53
CA GLU B 255 -10.23 -12.28 -7.83
C GLU B 255 -10.49 -12.11 -9.33
N MET B 256 -9.47 -11.73 -10.09
CA MET B 256 -9.67 -11.57 -11.53
C MET B 256 -9.87 -12.92 -12.21
N ILE B 257 -9.20 -13.95 -11.70
CA ILE B 257 -9.35 -15.28 -12.27
C ILE B 257 -10.76 -15.81 -11.99
N LYS B 258 -11.16 -15.75 -10.72
CA LYS B 258 -12.47 -16.23 -10.30
C LYS B 258 -13.64 -15.55 -11.01
N LYS B 259 -13.48 -14.27 -11.34
CA LYS B 259 -14.55 -13.54 -12.02
C LYS B 259 -14.38 -13.56 -13.54
N ASP B 260 -13.30 -14.20 -14.02
CA ASP B 260 -13.01 -14.25 -15.46
C ASP B 260 -13.07 -12.82 -16.00
N ALA B 261 -12.51 -11.91 -15.20
CA ALA B 261 -12.50 -10.49 -15.50
C ALA B 261 -11.64 -10.06 -16.68
N ILE B 262 -10.53 -10.76 -16.91
CA ILE B 262 -9.64 -10.38 -18.00
C ILE B 262 -9.20 -11.53 -18.90
N ASP B 263 -8.52 -11.19 -19.99
CA ASP B 263 -8.05 -12.17 -20.96
C ASP B 263 -6.55 -12.40 -20.87
N ILE B 264 -5.82 -11.32 -20.60
CA ILE B 264 -4.38 -11.39 -20.50
C ILE B 264 -3.88 -10.83 -19.18
N PHE B 265 -3.08 -11.62 -18.49
CA PHE B 265 -2.51 -11.18 -17.22
C PHE B 265 -1.14 -10.61 -17.48
N ASN B 266 -1.01 -9.31 -17.20
CA ASN B 266 0.25 -8.61 -17.39
C ASN B 266 1.04 -8.84 -16.11
N ILE B 267 2.11 -9.62 -16.21
CA ILE B 267 2.92 -9.95 -15.05
C ILE B 267 4.34 -9.42 -15.19
N SER B 268 4.82 -8.79 -14.13
CA SER B 268 6.17 -8.26 -14.12
C SER B 268 6.73 -8.40 -12.70
N PRO B 269 7.95 -8.92 -12.58
CA PRO B 269 8.60 -9.10 -11.28
C PRO B 269 8.47 -7.95 -10.29
N VAL B 270 8.77 -6.73 -10.74
CA VAL B 270 8.74 -5.57 -9.87
C VAL B 270 7.40 -5.28 -9.17
N PHE B 271 6.28 -5.52 -9.84
CA PHE B 271 4.99 -5.25 -9.23
C PHE B 271 4.42 -6.38 -8.39
N ILE B 272 5.02 -7.56 -8.45
CA ILE B 272 4.50 -8.67 -7.67
C ILE B 272 5.50 -9.16 -6.63
N GLY B 273 6.67 -8.55 -6.60
CA GLY B 273 7.66 -8.92 -5.60
C GLY B 273 8.86 -9.76 -5.97
N GLY B 274 9.13 -9.94 -7.26
CA GLY B 274 10.29 -10.71 -7.65
C GLY B 274 10.05 -11.86 -8.60
N LEU B 275 11.09 -12.60 -8.92
CA LEU B 275 10.98 -13.74 -9.83
C LEU B 275 10.17 -14.90 -9.24
N THR B 276 10.39 -15.18 -7.97
CA THR B 276 9.65 -16.25 -7.31
C THR B 276 8.15 -15.99 -7.36
N SER B 277 7.76 -14.78 -6.99
CA SER B 277 6.35 -14.39 -6.99
C SER B 277 5.79 -14.27 -8.40
N ALA B 278 6.61 -13.79 -9.33
CA ALA B 278 6.17 -13.65 -10.70
C ALA B 278 5.93 -15.02 -11.31
N LYS B 279 6.75 -16.00 -10.93
CA LYS B 279 6.59 -17.37 -11.42
C LYS B 279 5.28 -17.94 -10.90
N LYS B 280 5.03 -17.74 -9.62
CA LYS B 280 3.79 -18.25 -9.01
C LYS B 280 2.60 -17.65 -9.75
N ALA B 281 2.65 -16.35 -10.01
CA ALA B 281 1.56 -15.67 -10.71
C ALA B 281 1.40 -16.21 -12.12
N ALA B 282 2.53 -16.45 -12.79
CA ALA B 282 2.50 -16.96 -14.16
C ALA B 282 1.92 -18.38 -14.20
N TYR B 283 2.29 -19.20 -13.22
CA TYR B 283 1.79 -20.57 -13.16
C TYR B 283 0.32 -20.59 -12.78
N ALA B 284 -0.12 -19.64 -11.95
CA ALA B 284 -1.53 -19.58 -11.57
C ALA B 284 -2.33 -19.23 -12.82
N ALA B 285 -1.77 -18.36 -13.66
CA ALA B 285 -2.43 -17.98 -14.90
C ALA B 285 -2.50 -19.21 -15.80
N GLU B 286 -1.41 -19.96 -15.85
CA GLU B 286 -1.36 -21.18 -16.67
C GLU B 286 -2.38 -22.21 -16.19
N VAL B 287 -2.50 -22.36 -14.88
CA VAL B 287 -3.46 -23.33 -14.33
C VAL B 287 -4.87 -22.92 -14.75
N ALA B 288 -5.10 -21.61 -14.87
CA ALA B 288 -6.42 -21.10 -15.24
C ALA B 288 -6.59 -20.94 -16.76
N SER B 289 -5.65 -21.48 -17.53
CA SER B 289 -5.69 -21.39 -18.99
C SER B 289 -5.75 -19.96 -19.49
N LYS B 290 -5.05 -19.07 -18.81
CA LYS B 290 -5.04 -17.66 -19.19
C LYS B 290 -3.72 -17.26 -19.83
N ASP B 291 -3.80 -16.29 -20.74
CA ASP B 291 -2.63 -15.77 -21.43
C ASP B 291 -1.88 -14.80 -20.52
N VAL B 292 -0.57 -14.69 -20.75
CA VAL B 292 0.26 -13.80 -19.95
C VAL B 292 1.11 -12.91 -20.86
N VAL B 293 1.44 -11.72 -20.38
CA VAL B 293 2.31 -10.82 -21.11
C VAL B 293 3.28 -10.29 -20.07
N LEU B 294 4.53 -10.13 -20.45
CA LEU B 294 5.54 -9.65 -19.52
C LEU B 294 5.46 -8.12 -19.48
N GLY B 295 5.03 -7.60 -18.34
CA GLY B 295 4.89 -6.16 -18.17
C GLY B 295 6.20 -5.53 -17.73
N THR B 296 6.14 -4.24 -17.40
CA THR B 296 7.34 -3.54 -17.00
C THR B 296 7.06 -2.26 -16.25
N THR B 297 8.05 -1.82 -15.48
CA THR B 297 7.97 -0.54 -14.78
C THR B 297 9.06 0.28 -15.45
N GLN B 298 9.75 -0.38 -16.39
CA GLN B 298 10.86 0.17 -17.15
C GLN B 298 12.04 0.15 -16.19
N GLU B 299 12.72 -0.98 -16.15
CA GLU B 299 13.86 -1.16 -15.26
C GLU B 299 15.19 -1.04 -15.99
N LEU B 300 16.28 -1.08 -15.22
CA LEU B 300 17.61 -0.98 -15.79
C LEU B 300 18.00 -2.36 -16.31
N SER B 301 19.23 -2.53 -16.78
CA SER B 301 19.65 -3.82 -17.32
C SER B 301 19.60 -5.01 -16.36
N VAL B 302 19.86 -4.78 -15.09
CA VAL B 302 19.82 -5.89 -14.13
C VAL B 302 18.38 -6.41 -14.03
N GLY B 303 17.44 -5.48 -13.83
CA GLY B 303 16.05 -5.86 -13.71
C GLY B 303 15.50 -6.43 -15.01
N THR B 304 15.96 -5.89 -16.13
CA THR B 304 15.49 -6.35 -17.44
C THR B 304 16.02 -7.75 -17.75
N ALA B 305 17.27 -8.03 -17.39
CA ALA B 305 17.84 -9.35 -17.63
C ALA B 305 17.03 -10.39 -16.84
N ALA B 306 16.71 -10.05 -15.59
CA ALA B 306 15.95 -10.96 -14.74
C ALA B 306 14.64 -11.38 -15.40
N MET B 307 13.87 -10.40 -15.87
CA MET B 307 12.59 -10.69 -16.49
C MET B 307 12.74 -11.35 -17.86
N ALA B 308 13.87 -11.11 -18.52
CA ALA B 308 14.12 -11.70 -19.82
C ALA B 308 14.26 -13.21 -19.64
N HIS B 309 14.95 -13.64 -18.58
CA HIS B 309 15.11 -15.05 -18.30
C HIS B 309 13.75 -15.69 -18.00
N LEU B 310 12.95 -15.01 -17.19
CA LEU B 310 11.62 -15.51 -16.83
C LEU B 310 10.74 -15.61 -18.08
N GLY B 311 10.66 -14.51 -18.82
CA GLY B 311 9.84 -14.47 -20.02
C GLY B 311 10.16 -15.55 -21.03
N CYS B 312 11.45 -15.86 -21.19
CA CYS B 312 11.84 -16.89 -22.14
C CYS B 312 11.61 -18.31 -21.64
N SER B 313 11.12 -18.45 -20.41
CA SER B 313 10.86 -19.76 -19.83
C SER B 313 9.37 -20.12 -19.81
N LEU B 314 8.52 -19.13 -20.07
CA LEU B 314 7.07 -19.36 -20.03
C LEU B 314 6.47 -19.85 -21.34
N THR B 315 5.50 -20.76 -21.23
CA THR B 315 4.85 -21.30 -22.41
C THR B 315 3.55 -20.54 -22.73
N ASN B 316 3.11 -19.68 -21.82
CA ASN B 316 1.87 -18.94 -22.07
C ASN B 316 1.97 -17.46 -22.40
N ILE B 317 3.08 -17.07 -23.02
CA ILE B 317 3.26 -15.68 -23.47
C ILE B 317 3.13 -15.77 -24.98
N ASN B 318 1.98 -15.36 -25.50
CA ASN B 318 1.73 -15.42 -26.94
C ASN B 318 1.36 -14.06 -27.51
N HIS B 319 1.78 -13.00 -26.83
CA HIS B 319 1.52 -11.63 -27.26
C HIS B 319 2.80 -10.83 -27.07
N THR B 320 2.81 -9.62 -27.61
CA THR B 320 3.97 -8.74 -27.50
C THR B 320 4.06 -8.21 -26.07
N SER B 321 5.29 -8.22 -25.52
CA SER B 321 5.53 -7.76 -24.16
C SER B 321 6.02 -6.31 -24.07
N ASP B 322 6.28 -5.83 -22.85
CA ASP B 322 6.65 -4.42 -22.67
C ASP B 322 8.00 -3.91 -22.18
N PRO B 323 8.85 -4.76 -21.56
CA PRO B 323 10.13 -4.22 -21.08
C PRO B 323 11.14 -3.63 -22.04
N THR B 324 11.22 -2.28 -22.08
CA THR B 324 12.18 -1.59 -22.93
C THR B 324 12.90 -0.51 -22.11
N GLY B 325 13.08 -0.79 -20.82
CA GLY B 325 13.74 0.15 -19.92
C GLY B 325 15.05 0.72 -20.41
N PRO B 326 16.04 -0.13 -20.70
CA PRO B 326 17.35 0.35 -21.18
C PRO B 326 17.27 1.25 -22.42
N GLU B 327 16.16 1.18 -23.15
CA GLU B 327 16.00 2.03 -24.33
C GLU B 327 15.51 3.42 -23.94
N LEU B 328 14.91 3.52 -22.76
CA LEU B 328 14.41 4.79 -22.27
C LEU B 328 15.41 5.57 -21.43
N TYR B 329 16.26 4.88 -20.69
CA TYR B 329 17.23 5.54 -19.84
C TYR B 329 18.48 5.99 -20.59
N VAL B 330 19.05 7.11 -20.16
CA VAL B 330 20.26 7.66 -20.78
C VAL B 330 21.50 6.95 -20.29
N GLY B 331 21.36 6.17 -19.23
CA GLY B 331 22.50 5.45 -18.69
C GLY B 331 22.09 4.18 -17.99
N ASP B 332 23.07 3.47 -17.43
CA ASP B 332 22.82 2.22 -16.71
C ASP B 332 23.98 2.00 -15.75
N VAL B 333 23.98 0.88 -15.05
CA VAL B 333 25.03 0.59 -14.09
C VAL B 333 25.79 -0.69 -14.39
N VAL B 334 25.73 -1.14 -15.64
CA VAL B 334 26.38 -2.38 -16.03
C VAL B 334 27.45 -2.21 -17.11
N LYS B 335 28.33 -3.21 -17.19
CA LYS B 335 29.39 -3.20 -18.19
C LYS B 335 28.82 -3.45 -19.58
N ASN B 336 27.78 -4.26 -19.64
CA ASN B 336 27.12 -4.55 -20.91
C ASN B 336 25.62 -4.67 -20.70
N ARG B 337 24.88 -3.79 -21.36
CA ARG B 337 23.43 -3.77 -21.25
C ARG B 337 22.78 -4.92 -21.99
N VAL B 338 21.54 -5.21 -21.65
CA VAL B 338 20.81 -6.29 -22.33
C VAL B 338 20.68 -5.85 -23.78
N THR B 339 20.39 -6.80 -24.66
CA THR B 339 20.27 -6.47 -26.07
C THR B 339 18.86 -6.49 -26.65
N TYR B 340 18.59 -5.52 -27.50
CA TYR B 340 17.32 -5.40 -28.21
C TYR B 340 17.66 -5.39 -29.70
N LYS B 341 16.98 -6.23 -30.47
CA LYS B 341 17.24 -6.25 -31.90
C LYS B 341 15.95 -6.58 -32.62
N ASP B 342 15.60 -5.75 -33.60
CA ASP B 342 14.39 -5.96 -34.39
C ASP B 342 13.14 -6.07 -33.50
N GLY B 343 13.11 -5.30 -32.42
CA GLY B 343 11.96 -5.32 -31.54
C GLY B 343 11.85 -6.49 -30.58
N TYR B 344 12.96 -7.21 -30.40
CA TYR B 344 13.00 -8.36 -29.49
C TYR B 344 14.00 -8.14 -28.37
N LEU B 345 13.64 -8.59 -27.17
CA LEU B 345 14.53 -8.52 -26.02
C LEU B 345 15.14 -9.92 -25.92
N TYR B 346 16.46 -9.99 -25.95
CA TYR B 346 17.17 -11.26 -25.88
C TYR B 346 17.52 -11.69 -24.47
N ALA B 347 17.28 -12.96 -24.16
CA ALA B 347 17.64 -13.48 -22.85
C ALA B 347 19.16 -13.52 -22.86
N PRO B 348 19.81 -13.16 -21.74
CA PRO B 348 21.28 -13.18 -21.69
C PRO B 348 21.87 -14.55 -22.02
N ASP B 349 23.11 -14.53 -22.50
CA ASP B 349 23.85 -15.74 -22.85
C ASP B 349 23.62 -16.85 -21.82
N ARG B 350 23.03 -17.96 -22.25
CA ARG B 350 22.74 -19.07 -21.34
C ARG B 350 24.02 -19.68 -20.74
N SER B 351 25.16 -19.40 -21.37
CA SER B 351 26.45 -19.92 -20.90
C SER B 351 27.06 -19.11 -19.77
N VAL B 352 26.57 -17.89 -19.59
CA VAL B 352 27.10 -17.03 -18.52
C VAL B 352 26.31 -17.26 -17.23
N LYS B 353 26.99 -17.69 -16.18
CA LYS B 353 26.34 -17.97 -14.90
C LYS B 353 25.67 -16.74 -14.30
N GLY B 354 24.58 -16.96 -13.56
CA GLY B 354 23.87 -15.86 -12.94
C GLY B 354 22.94 -15.14 -13.90
N LEU B 355 22.69 -13.87 -13.62
CA LEU B 355 21.81 -13.05 -14.45
C LEU B 355 22.40 -12.77 -15.84
N GLY B 356 23.72 -12.90 -15.96
CA GLY B 356 24.36 -12.64 -17.23
C GLY B 356 24.69 -11.17 -17.39
N ILE B 357 24.71 -10.45 -16.28
CA ILE B 357 25.00 -9.02 -16.24
C ILE B 357 26.08 -8.76 -15.19
N GLU B 358 26.90 -7.74 -15.43
CA GLU B 358 27.97 -7.40 -14.50
C GLU B 358 27.88 -5.91 -14.18
N LEU B 359 27.96 -5.56 -12.90
CA LEU B 359 27.89 -4.17 -12.47
C LEU B 359 29.19 -3.46 -12.80
N ASP B 360 29.08 -2.17 -13.07
CA ASP B 360 30.24 -1.33 -13.35
C ASP B 360 30.29 -0.36 -12.18
N GLU B 361 31.25 -0.55 -11.28
CA GLU B 361 31.39 0.30 -10.10
C GLU B 361 31.52 1.80 -10.41
N SER B 362 32.15 2.14 -11.52
CA SER B 362 32.31 3.56 -11.85
C SER B 362 30.95 4.17 -12.20
N LEU B 363 30.03 3.35 -12.71
CA LEU B 363 28.71 3.85 -13.05
C LEU B 363 27.82 3.93 -11.82
N LEU B 364 28.03 3.03 -10.87
CA LEU B 364 27.26 3.08 -9.63
C LEU B 364 27.60 4.38 -8.92
N ALA B 365 28.88 4.77 -9.00
CA ALA B 365 29.33 6.01 -8.37
C ALA B 365 28.83 7.22 -9.16
N LYS B 366 28.90 7.11 -10.49
CA LYS B 366 28.47 8.18 -11.38
C LYS B 366 27.01 8.60 -11.15
N TYR B 367 26.13 7.61 -11.04
CA TYR B 367 24.71 7.88 -10.85
C TYR B 367 24.23 7.84 -9.40
N GLN B 368 25.16 7.74 -8.46
CA GLN B 368 24.80 7.67 -7.06
C GLN B 368 24.00 8.88 -6.58
N VAL B 369 23.00 8.61 -5.75
CA VAL B 369 22.14 9.64 -5.18
C VAL B 369 22.18 9.39 -3.67
N PRO B 370 22.06 10.45 -2.85
CA PRO B 370 22.11 10.29 -1.40
C PRO B 370 20.94 9.55 -0.77
N ASP B 371 19.78 9.60 -1.41
CA ASP B 371 18.58 8.94 -0.91
C ASP B 371 17.54 8.85 -2.02
N LEU B 372 16.34 8.37 -1.69
CA LEU B 372 15.28 8.22 -2.68
C LEU B 372 14.29 9.38 -2.65
N SER B 373 14.72 10.51 -2.10
CA SER B 373 13.85 11.68 -2.00
C SER B 373 13.33 12.15 -3.36
N TRP B 374 12.16 12.79 -3.33
CA TRP B 374 11.53 13.29 -4.55
C TRP B 374 11.98 14.68 -4.98
N ASP B 375 11.84 14.95 -6.27
CA ASP B 375 12.14 16.25 -6.83
C ASP B 375 10.78 16.77 -7.26
N ASN B 376 10.74 17.97 -7.81
CA ASN B 376 9.47 18.54 -8.24
C ASN B 376 8.88 17.73 -9.39
N VAL B 377 7.66 17.24 -9.20
CA VAL B 377 6.96 16.45 -10.21
C VAL B 377 5.46 16.55 -9.98
N THR B 378 4.69 16.58 -11.06
CA THR B 378 3.24 16.68 -10.95
C THR B 378 2.60 15.30 -11.05
N VAL B 379 1.33 15.22 -10.66
CA VAL B 379 0.59 13.95 -10.72
C VAL B 379 0.48 13.49 -12.16
N HIS B 380 0.22 14.42 -13.06
CA HIS B 380 0.10 14.10 -14.49
C HIS B 380 1.40 13.47 -15.01
N GLN B 381 2.54 14.05 -14.62
CA GLN B 381 3.83 13.55 -15.05
C GLN B 381 4.12 12.17 -14.43
N LEU B 382 3.67 11.95 -13.21
CA LEU B 382 3.90 10.67 -12.56
C LEU B 382 3.09 9.57 -13.24
N GLN B 383 1.90 9.94 -13.72
CA GLN B 383 1.04 8.98 -14.40
C GLN B 383 1.50 8.71 -15.83
N ASP B 384 1.97 9.75 -16.51
CA ASP B 384 2.40 9.61 -17.91
C ASP B 384 3.90 9.43 -18.11
N ARG B 385 4.68 9.59 -17.03
CA ARG B 385 6.12 9.43 -17.10
C ARG B 385 6.75 10.46 -18.03
N THR B 386 6.23 11.68 -17.98
CA THR B 386 6.73 12.77 -18.81
C THR B 386 7.46 13.82 -17.97
N ALA B 387 8.05 14.80 -18.64
CA ALA B 387 8.78 15.86 -17.95
C ALA B 387 8.71 17.17 -18.73
#